data_2JD0
#
_entry.id   2JD0
#
_cell.length_a   67.629
_cell.length_b   65.611
_cell.length_c   86.016
_cell.angle_alpha   90.00
_cell.angle_beta   102.02
_cell.angle_gamma   90.00
#
_symmetry.space_group_name_H-M   'P 1 21 1'
#
loop_
_entity.id
_entity.type
_entity.pdbx_description
1 polymer '1-DEOXY-D-XYLULOSE 5-PHOSPHATE REDUCTOISOMERASE'
2 non-polymer 'NADPH DIHYDRO-NICOTINAMIDE-ADENINE-DINUCLEOTIDE PHOSPHATE'
3 non-polymer 'SULFATE ION'
4 water water
#
_entity_poly.entity_id   1
_entity_poly.type   'polypeptide(L)'
_entity_poly.pdbx_seq_one_letter_code
;TMAHHHHHHVTNSTDGRADGRLRVVVLGSTGSIGTQALQVIADNPDRFEVVGLAAGGAHLDTLLRQRAQTGVTNIAVADE
HAAQRVGDIPYHGSDAATRLVEQTEADVVLNALVGALGLRPTLAALKTGARLALANKESLVAGGSLVLRAARPGQIVPVN
SEHSALAQCLRGGTPDEVAKLVLTASGGPFRGWSAADLEHVTPEQAGAHPTWSMGPMNTLNSASLVNKGLQVIETHLLFG
IPYDRIDVVVHPQSIIHSMVTFIDGSTIAQASPPDMKLPISLALGWPRRVSGAAAACDFHTASSWEFEPLDTDVFPAVEL
ARQAGVAGGCMTAVYNAANEEAAAAFLAGRIGFPAIVGIIADVLHAADQWAVEPATVDDVLDAQRWARERAQRAVSGM
;
_entity_poly.pdbx_strand_id   A,B
#
loop_
_chem_comp.id
_chem_comp.type
_chem_comp.name
_chem_comp.formula
NDP non-polymer 'NADPH DIHYDRO-NICOTINAMIDE-ADENINE-DINUCLEOTIDE PHOSPHATE' 'C21 H30 N7 O17 P3'
SO4 non-polymer 'SULFATE ION' 'O4 S -2'
#
# COMPACT_ATOMS: atom_id res chain seq x y z
N GLY A 20 -15.77 21.26 14.43
CA GLY A 20 -14.88 20.35 13.63
C GLY A 20 -14.33 21.00 12.35
N ARG A 21 -14.35 22.34 12.32
CA ARG A 21 -13.81 23.09 11.19
C ARG A 21 -12.42 23.62 11.54
N LEU A 22 -11.45 23.38 10.66
CA LEU A 22 -10.08 23.78 10.93
C LEU A 22 -9.76 25.14 10.30
N ARG A 23 -9.23 26.04 11.12
CA ARG A 23 -8.80 27.36 10.68
C ARG A 23 -7.40 27.25 10.08
N VAL A 24 -7.24 27.65 8.81
CA VAL A 24 -6.01 27.41 8.06
C VAL A 24 -5.32 28.70 7.60
N VAL A 25 -4.05 28.87 7.98
CA VAL A 25 -3.23 29.93 7.44
C VAL A 25 -2.41 29.38 6.27
N VAL A 26 -2.51 30.04 5.12
CA VAL A 26 -1.81 29.58 3.93
C VAL A 26 -0.66 30.53 3.61
N LEU A 27 0.56 30.02 3.71
CA LEU A 27 1.75 30.82 3.43
C LEU A 27 2.30 30.43 2.06
N GLY A 28 2.50 31.42 1.20
CA GLY A 28 2.84 31.17 -0.21
C GLY A 28 1.58 30.84 -0.98
N SER A 29 0.53 31.64 -0.78
CA SER A 29 -0.80 31.33 -1.27
C SER A 29 -0.94 31.38 -2.79
N THR A 30 -0.09 32.18 -3.44
CA THR A 30 -0.20 32.47 -4.87
C THR A 30 0.52 31.47 -5.77
N GLY A 31 1.35 30.62 -5.17
CA GLY A 31 2.05 29.59 -5.93
C GLY A 31 1.17 28.39 -6.23
N SER A 32 1.79 27.36 -6.80
CA SER A 32 1.10 26.13 -7.22
C SER A 32 0.40 25.41 -6.05
N ILE A 33 1.15 25.11 -4.98
CA ILE A 33 0.61 24.44 -3.80
C ILE A 33 -0.42 25.32 -3.10
N GLY A 34 -0.09 26.59 -2.95
CA GLY A 34 -1.00 27.53 -2.29
C GLY A 34 -2.37 27.60 -2.94
N THR A 35 -2.39 27.73 -4.26
CA THR A 35 -3.64 27.81 -5.01
C THR A 35 -4.41 26.48 -4.99
N GLN A 36 -3.69 25.36 -5.08
CA GLN A 36 -4.33 24.03 -4.99
C GLN A 36 -4.92 23.78 -3.62
N ALA A 37 -4.23 24.27 -2.58
CA ALA A 37 -4.72 24.22 -1.21
C ALA A 37 -5.98 25.06 -1.01
N LEU A 38 -6.06 26.20 -1.70
CA LEU A 38 -7.23 27.06 -1.58
C LEU A 38 -8.44 26.45 -2.28
N GLN A 39 -8.20 25.73 -3.37
CA GLN A 39 -9.26 24.97 -4.05
C GLN A 39 -9.78 23.82 -3.18
N VAL A 40 -8.88 23.13 -2.49
CA VAL A 40 -9.28 22.09 -1.50
C VAL A 40 -10.15 22.67 -0.38
N ILE A 41 -9.75 23.83 0.13
CA ILE A 41 -10.50 24.53 1.19
C ILE A 41 -11.84 25.08 0.67
N ALA A 42 -11.83 25.60 -0.55
CA ALA A 42 -13.04 26.07 -1.23
C ALA A 42 -14.06 24.94 -1.44
N ASP A 43 -13.57 23.78 -1.85
CA ASP A 43 -14.41 22.61 -2.05
C ASP A 43 -14.92 22.01 -0.75
N ASN A 44 -14.18 22.21 0.34
CA ASN A 44 -14.52 21.60 1.62
C ASN A 44 -14.75 22.60 2.76
N PRO A 45 -15.78 23.46 2.65
CA PRO A 45 -16.05 24.46 3.70
C PRO A 45 -16.54 23.79 4.98
N ASP A 46 -17.01 22.55 4.85
CA ASP A 46 -17.30 21.67 5.98
C ASP A 46 -16.07 21.44 6.87
N ARG A 47 -14.91 21.31 6.24
CA ARG A 47 -13.70 20.86 6.92
C ARG A 47 -12.73 22.00 7.27
N PHE A 48 -12.63 22.99 6.38
CA PHE A 48 -11.58 23.99 6.48
C PHE A 48 -12.10 25.42 6.28
N GLU A 49 -11.42 26.38 6.91
CA GLU A 49 -11.55 27.80 6.54
C GLU A 49 -10.20 28.50 6.51
N VAL A 50 -9.98 29.30 5.47
CA VAL A 50 -8.80 30.14 5.35
C VAL A 50 -8.94 31.32 6.31
N VAL A 51 -7.91 31.56 7.11
CA VAL A 51 -7.89 32.70 8.04
C VAL A 51 -6.67 33.60 7.86
N GLY A 52 -5.82 33.27 6.89
CA GLY A 52 -4.62 34.04 6.60
C GLY A 52 -3.92 33.65 5.31
N LEU A 53 -3.41 34.66 4.60
CA LEU A 53 -2.70 34.47 3.35
C LEU A 53 -1.39 35.22 3.42
N ALA A 54 -0.31 34.57 3.00
CA ALA A 54 0.98 35.25 2.87
C ALA A 54 1.54 35.02 1.48
N ALA A 55 2.09 36.07 0.89
CA ALA A 55 2.70 35.99 -0.43
C ALA A 55 3.93 36.89 -0.50
N GLY A 56 4.64 36.82 -1.61
CA GLY A 56 5.87 37.57 -1.78
C GLY A 56 5.64 38.97 -2.30
N GLY A 57 4.67 39.11 -3.19
CA GLY A 57 4.35 40.40 -3.81
C GLY A 57 4.51 40.44 -5.32
N ALA A 58 4.97 39.34 -5.91
CA ALA A 58 5.29 39.27 -7.35
C ALA A 58 4.10 38.93 -8.23
N HIS A 59 3.02 38.41 -7.63
CA HIS A 59 1.78 38.11 -8.37
C HIS A 59 0.59 38.72 -7.66
N LEU A 60 0.48 40.04 -7.77
CA LEU A 60 -0.56 40.80 -7.07
C LEU A 60 -1.96 40.54 -7.60
N ASP A 61 -2.10 40.24 -8.89
CA ASP A 61 -3.41 39.92 -9.46
C ASP A 61 -4.01 38.67 -8.82
N THR A 62 -3.19 37.64 -8.67
CA THR A 62 -3.58 36.38 -8.01
C THR A 62 -3.97 36.63 -6.55
N LEU A 63 -3.14 37.39 -5.82
CA LEU A 63 -3.38 37.67 -4.39
C LEU A 63 -4.62 38.51 -4.15
N LEU A 64 -4.85 39.51 -4.99
CA LEU A 64 -6.07 40.33 -4.94
C LEU A 64 -7.29 39.47 -5.25
N ARG A 65 -7.13 38.59 -6.24
CA ARG A 65 -8.19 37.67 -6.59
C ARG A 65 -8.49 36.75 -5.40
N GLN A 66 -7.44 36.32 -4.69
CA GLN A 66 -7.61 35.47 -3.51
C GLN A 66 -8.22 36.19 -2.31
N ARG A 67 -7.83 37.45 -2.12
CA ARG A 67 -8.48 38.27 -1.08
C ARG A 67 -9.98 38.40 -1.34
N ALA A 68 -10.33 38.73 -2.59
CA ALA A 68 -11.72 38.91 -3.01
C ALA A 68 -12.56 37.63 -2.97
N GLN A 69 -11.95 36.50 -3.35
CA GLN A 69 -12.67 35.21 -3.41
C GLN A 69 -12.89 34.57 -2.03
N THR A 70 -11.85 34.58 -1.18
CA THR A 70 -11.92 34.03 0.18
C THR A 70 -12.53 34.99 1.19
N GLY A 71 -12.39 36.30 0.93
CA GLY A 71 -12.86 37.33 1.86
C GLY A 71 -11.90 37.51 3.02
N VAL A 72 -10.68 37.02 2.85
CA VAL A 72 -9.65 37.11 3.89
C VAL A 72 -8.82 38.36 3.67
N THR A 73 -8.78 39.22 4.68
CA THR A 73 -8.03 40.48 4.60
C THR A 73 -6.76 40.40 5.44
N ASN A 74 -6.70 39.38 6.30
CA ASN A 74 -5.54 39.07 7.14
C ASN A 74 -4.40 38.54 6.28
N ILE A 75 -3.66 39.47 5.67
CA ILE A 75 -2.73 39.15 4.60
C ILE A 75 -1.32 39.68 4.86
N ALA A 76 -0.33 38.84 4.60
CA ALA A 76 1.06 39.23 4.68
C ALA A 76 1.65 39.29 3.26
N VAL A 77 2.47 40.31 3.01
CA VAL A 77 3.15 40.50 1.72
C VAL A 77 4.61 40.89 2.01
N ALA A 78 5.55 40.08 1.50
CA ALA A 78 6.98 40.30 1.78
C ALA A 78 7.54 41.60 1.19
N ASP A 79 7.30 41.80 -0.11
CA ASP A 79 7.74 43.01 -0.81
C ASP A 79 7.00 44.25 -0.30
N GLU A 80 7.77 45.18 0.28
CA GLU A 80 7.23 46.41 0.87
C GLU A 80 6.57 47.31 -0.16
N HIS A 81 7.19 47.40 -1.33
CA HIS A 81 6.69 48.19 -2.43
C HIS A 81 5.37 47.65 -2.97
N ALA A 82 5.32 46.33 -3.20
CA ALA A 82 4.10 45.64 -3.62
C ALA A 82 2.96 45.73 -2.60
N ALA A 83 3.32 45.71 -1.32
CA ALA A 83 2.33 45.89 -0.24
C ALA A 83 1.79 47.32 -0.22
N GLN A 84 2.67 48.28 -0.50
CA GLN A 84 2.29 49.69 -0.67
C GLN A 84 1.33 49.83 -1.84
N ARG A 85 1.76 49.31 -2.99
CA ARG A 85 0.98 49.27 -4.24
C ARG A 85 -0.45 48.76 -4.07
N VAL A 86 -0.64 47.85 -3.12
CA VAL A 86 -1.92 47.22 -2.82
C VAL A 86 -2.69 48.02 -1.78
N GLY A 87 -1.98 48.54 -0.78
CA GLY A 87 -2.59 49.23 0.37
C GLY A 87 -3.40 48.33 1.28
N ASP A 88 -3.49 48.71 2.56
CA ASP A 88 -4.37 48.04 3.55
C ASP A 88 -3.82 46.70 4.07
N ILE A 89 -2.65 46.29 3.57
CA ILE A 89 -2.00 45.04 3.98
C ILE A 89 -1.52 45.14 5.44
N PRO A 90 -2.08 44.32 6.34
CA PRO A 90 -1.74 44.40 7.77
C PRO A 90 -0.31 43.96 8.11
N TYR A 91 0.29 43.14 7.25
CA TYR A 91 1.67 42.68 7.46
C TYR A 91 2.47 42.85 6.18
N HIS A 92 3.54 43.62 6.26
CA HIS A 92 4.42 43.88 5.12
C HIS A 92 5.88 43.88 5.56
N GLY A 93 6.77 43.50 4.65
CA GLY A 93 8.19 43.34 4.95
C GLY A 93 8.62 41.89 5.00
N SER A 94 9.92 41.66 5.20
CA SER A 94 10.52 40.32 5.22
C SER A 94 10.05 39.44 6.39
N ASP A 95 9.49 40.05 7.43
CA ASP A 95 8.98 39.28 8.57
C ASP A 95 7.46 39.23 8.63
N ALA A 96 6.81 39.64 7.55
CA ALA A 96 5.35 39.70 7.49
C ALA A 96 4.72 38.32 7.68
N ALA A 97 5.28 37.32 6.99
CA ALA A 97 4.74 35.96 7.07
C ALA A 97 4.89 35.40 8.48
N THR A 98 6.06 35.64 9.08
CA THR A 98 6.31 35.20 10.46
C THR A 98 5.36 35.89 11.46
N ARG A 99 5.15 37.20 11.30
CA ARG A 99 4.24 37.96 12.17
C ARG A 99 2.77 37.58 11.98
N LEU A 100 2.36 37.32 10.73
CA LEU A 100 1.01 36.78 10.47
C LEU A 100 0.74 35.50 11.27
N VAL A 101 1.69 34.56 11.23
CA VAL A 101 1.57 33.27 11.92
C VAL A 101 1.47 33.46 13.45
N GLU A 102 2.34 34.33 13.98
CA GLU A 102 2.37 34.68 15.39
C GLU A 102 1.06 35.32 15.90
N GLN A 103 0.38 36.06 15.04
CA GLN A 103 -0.76 36.86 15.46
C GLN A 103 -2.12 36.42 14.90
N THR A 104 -2.16 35.24 14.29
CA THR A 104 -3.42 34.66 13.81
C THR A 104 -3.70 33.35 14.53
N GLU A 105 -4.86 33.26 15.17
CA GLU A 105 -5.29 31.99 15.75
C GLU A 105 -5.69 31.03 14.64
N ALA A 106 -5.13 29.83 14.68
CA ALA A 106 -5.33 28.85 13.63
C ALA A 106 -5.07 27.45 14.15
N ASP A 107 -5.57 26.45 13.40
CA ASP A 107 -5.35 25.06 13.76
C ASP A 107 -4.27 24.43 12.90
N VAL A 108 -4.12 24.97 11.69
CA VAL A 108 -3.19 24.43 10.70
C VAL A 108 -2.49 25.59 9.99
N VAL A 109 -1.17 25.51 9.94
CA VAL A 109 -0.37 26.43 9.13
C VAL A 109 0.19 25.64 7.96
N LEU A 110 -0.27 25.98 6.77
CA LEU A 110 0.33 25.48 5.55
C LEU A 110 1.52 26.36 5.14
N ASN A 111 2.72 25.83 5.30
CA ASN A 111 3.91 26.53 4.83
C ASN A 111 4.22 26.02 3.44
N ALA A 112 3.85 26.80 2.42
CA ALA A 112 4.19 26.50 1.03
C ALA A 112 5.10 27.58 0.46
N LEU A 113 5.84 28.26 1.33
CA LEU A 113 6.83 29.25 0.91
C LEU A 113 8.06 28.55 0.32
N VAL A 114 8.82 29.30 -0.47
CA VAL A 114 9.95 28.74 -1.20
C VAL A 114 11.23 29.21 -0.54
N GLY A 115 12.22 28.34 -0.48
CA GLY A 115 13.56 28.72 -0.04
C GLY A 115 13.76 28.95 1.44
N ALA A 116 14.84 29.66 1.76
CA ALA A 116 15.29 29.83 3.14
C ALA A 116 14.32 30.63 3.99
N LEU A 117 13.56 31.50 3.34
CA LEU A 117 12.57 32.35 4.00
C LEU A 117 11.36 31.63 4.61
N GLY A 118 11.30 30.31 4.46
CA GLY A 118 10.24 29.49 5.08
C GLY A 118 10.55 29.06 6.50
N LEU A 119 11.81 29.26 6.91
CA LEU A 119 12.31 28.77 8.20
C LEU A 119 11.72 29.45 9.41
N ARG A 120 11.77 30.77 9.45
CA ARG A 120 11.22 31.52 10.57
C ARG A 120 9.69 31.37 10.71
N PRO A 121 8.93 31.42 9.59
CA PRO A 121 7.51 31.07 9.68
C PRO A 121 7.22 29.61 10.09
N THR A 122 8.14 28.70 9.83
CA THR A 122 8.04 27.32 10.31
C THR A 122 8.19 27.29 11.84
N LEU A 123 9.19 28.00 12.34
CA LEU A 123 9.47 28.02 13.76
C LEU A 123 8.36 28.74 14.53
N ALA A 124 7.89 29.87 13.99
CA ALA A 124 6.73 30.57 14.53
C ALA A 124 5.50 29.64 14.62
N ALA A 125 5.25 28.88 13.56
CA ALA A 125 4.08 28.00 13.49
C ALA A 125 4.11 26.90 14.54
N LEU A 126 5.25 26.21 14.63
CA LEU A 126 5.47 25.19 15.65
C LEU A 126 5.23 25.72 17.06
N LYS A 127 5.74 26.92 17.33
CA LYS A 127 5.56 27.59 18.62
C LYS A 127 4.10 27.82 19.01
N THR A 128 3.22 27.98 18.02
CA THR A 128 1.81 28.29 18.27
C THR A 128 1.00 27.08 18.74
N GLY A 129 1.49 25.88 18.44
CA GLY A 129 0.75 24.64 18.73
C GLY A 129 -0.01 24.09 17.53
N ALA A 130 -0.21 24.92 16.51
CA ALA A 130 -0.92 24.48 15.29
C ALA A 130 -0.21 23.34 14.58
N ARG A 131 -0.97 22.51 13.87
CA ARG A 131 -0.36 21.53 12.97
C ARG A 131 0.39 22.29 11.86
N LEU A 132 1.63 21.88 11.62
CA LEU A 132 2.39 22.41 10.50
C LEU A 132 2.29 21.47 9.29
N ALA A 133 1.54 21.91 8.28
CA ALA A 133 1.51 21.22 7.00
C ALA A 133 2.65 21.82 6.16
N LEU A 134 3.68 21.00 5.93
CA LEU A 134 4.96 21.49 5.40
C LEU A 134 5.21 21.10 3.96
N ALA A 135 5.15 22.09 3.07
CA ALA A 135 5.64 21.95 1.71
C ALA A 135 7.09 22.46 1.62
N ASN A 136 7.35 23.61 2.24
CA ASN A 136 8.71 24.18 2.34
C ASN A 136 9.71 23.21 2.95
N LYS A 137 10.56 22.64 2.09
CA LYS A 137 11.49 21.59 2.51
C LYS A 137 12.69 22.18 3.18
N GLU A 138 13.09 23.34 2.68
CA GLU A 138 14.26 24.04 3.14
C GLU A 138 14.23 24.23 4.66
N SER A 139 13.04 24.45 5.21
CA SER A 139 12.92 24.68 6.65
C SER A 139 13.29 23.46 7.51
N LEU A 140 12.91 22.27 7.08
CA LEU A 140 13.34 21.03 7.74
C LEU A 140 14.79 20.68 7.42
N VAL A 141 15.11 20.70 6.12
CA VAL A 141 16.44 20.36 5.63
C VAL A 141 17.51 21.20 6.33
N ALA A 142 17.33 22.53 6.27
CA ALA A 142 18.26 23.48 6.87
C ALA A 142 18.07 23.62 8.38
N GLY A 143 16.81 23.71 8.81
CA GLY A 143 16.47 23.79 10.24
C GLY A 143 16.88 22.60 11.09
N GLY A 144 16.88 21.41 10.48
CA GLY A 144 17.34 20.19 11.17
C GLY A 144 16.74 20.06 12.55
N SER A 145 17.60 19.84 13.55
CA SER A 145 17.13 19.61 14.94
C SER A 145 16.56 20.86 15.62
N LEU A 146 16.83 22.04 15.08
CA LEU A 146 16.21 23.28 15.57
C LEU A 146 14.70 23.22 15.36
N VAL A 147 14.29 22.80 14.17
CA VAL A 147 12.88 22.59 13.85
C VAL A 147 12.31 21.40 14.63
N LEU A 148 13.08 20.32 14.71
CA LEU A 148 12.67 19.11 15.43
C LEU A 148 12.44 19.30 16.94
N ARG A 149 13.30 20.09 17.58
CA ARG A 149 13.16 20.45 19.01
C ARG A 149 11.89 21.26 19.29
N ALA A 150 11.48 22.05 18.31
CA ALA A 150 10.33 22.95 18.44
C ALA A 150 9.00 22.24 18.21
N ALA A 151 9.05 21.06 17.59
CA ALA A 151 7.86 20.31 17.19
C ALA A 151 7.44 19.26 18.22
N ARG A 152 6.14 19.16 18.46
CA ARG A 152 5.55 18.04 19.18
C ARG A 152 5.52 16.84 18.21
N PRO A 153 5.46 15.60 18.74
CA PRO A 153 5.28 14.45 17.84
C PRO A 153 3.99 14.55 17.03
N GLY A 154 4.09 14.33 15.72
CA GLY A 154 2.93 14.41 14.83
C GLY A 154 2.48 15.80 14.43
N GLN A 155 3.16 16.83 14.94
CA GLN A 155 2.82 18.22 14.60
C GLN A 155 3.19 18.59 13.16
N ILE A 156 4.32 18.08 12.69
CA ILE A 156 4.75 18.32 11.32
C ILE A 156 4.18 17.24 10.42
N VAL A 157 3.33 17.66 9.48
CA VAL A 157 2.70 16.75 8.53
C VAL A 157 3.15 17.13 7.11
N PRO A 158 3.83 16.21 6.41
CA PRO A 158 4.42 16.49 5.09
C PRO A 158 3.38 16.72 4.01
N VAL A 159 3.67 17.65 3.09
CA VAL A 159 2.74 17.96 2.00
C VAL A 159 3.19 17.29 0.69
N ASN A 160 4.49 17.14 0.49
CA ASN A 160 5.03 16.49 -0.72
C ASN A 160 4.44 15.08 -0.86
N SER A 161 4.23 14.63 -2.10
CA SER A 161 3.56 13.35 -2.30
C SER A 161 4.33 12.15 -1.81
N GLU A 162 5.67 12.19 -1.91
CA GLU A 162 6.51 11.08 -1.43
C GLU A 162 6.33 10.84 0.06
N HIS A 163 6.37 11.93 0.83
CA HIS A 163 6.29 11.84 2.28
C HIS A 163 4.88 11.56 2.76
N SER A 164 3.89 12.01 2.00
CA SER A 164 2.50 11.70 2.26
C SER A 164 2.25 10.22 2.03
N ALA A 165 2.84 9.69 0.97
CA ALA A 165 2.82 8.27 0.67
C ALA A 165 3.44 7.45 1.79
N LEU A 166 4.61 7.87 2.27
CA LEU A 166 5.30 7.18 3.36
C LEU A 166 4.48 7.13 4.62
N ALA A 167 3.88 8.27 4.97
CA ALA A 167 3.05 8.37 6.18
C ALA A 167 1.83 7.43 6.12
N GLN A 168 1.22 7.32 4.95
CA GLN A 168 0.10 6.40 4.76
C GLN A 168 0.55 4.95 4.86
N CYS A 169 1.68 4.64 4.24
CA CYS A 169 2.22 3.28 4.18
C CYS A 169 2.72 2.77 5.53
N LEU A 170 3.22 3.67 6.36
CA LEU A 170 3.69 3.31 7.72
C LEU A 170 2.59 2.75 8.61
N ARG A 171 1.33 3.05 8.28
CA ARG A 171 0.17 2.51 8.97
C ARG A 171 0.07 0.98 8.79
N GLY A 172 0.81 0.46 7.82
CA GLY A 172 0.83 -0.97 7.51
C GLY A 172 1.47 -1.86 8.58
N GLY A 173 2.13 -1.25 9.55
CA GLY A 173 2.70 -1.98 10.69
C GLY A 173 3.03 -1.08 11.88
N THR A 174 3.52 -1.69 12.95
CA THR A 174 4.06 -0.94 14.07
C THR A 174 5.45 -0.41 13.69
N PRO A 175 5.94 0.64 14.38
CA PRO A 175 7.26 1.21 14.09
C PRO A 175 8.44 0.20 14.10
N ASP A 176 8.42 -0.78 15.00
CA ASP A 176 9.50 -1.77 15.10
C ASP A 176 9.44 -2.79 13.95
N GLU A 177 8.39 -2.70 13.15
CA GLU A 177 8.20 -3.61 12.02
C GLU A 177 8.69 -2.99 10.72
N VAL A 178 9.21 -1.77 10.78
CA VAL A 178 9.69 -1.10 9.58
C VAL A 178 11.08 -1.57 9.26
N ALA A 179 11.27 -2.09 8.06
CA ALA A 179 12.59 -2.47 7.61
C ALA A 179 13.21 -1.33 6.82
N LYS A 180 12.50 -0.88 5.78
CA LYS A 180 13.02 0.14 4.87
C LYS A 180 11.94 1.08 4.35
N LEU A 181 12.27 2.36 4.21
CA LEU A 181 11.44 3.31 3.48
C LEU A 181 11.98 3.40 2.06
N VAL A 182 11.08 3.31 1.09
CA VAL A 182 11.45 3.34 -0.32
C VAL A 182 10.81 4.55 -1.00
N LEU A 183 11.61 5.59 -1.24
CA LEU A 183 11.20 6.74 -2.04
C LEU A 183 11.37 6.50 -3.52
N THR A 184 10.36 6.90 -4.29
CA THR A 184 10.40 6.77 -5.74
C THR A 184 10.80 8.10 -6.38
N ALA A 185 11.51 8.02 -7.50
CA ALA A 185 11.96 9.17 -8.25
C ALA A 185 11.52 9.02 -9.70
N SER A 186 11.09 10.11 -10.32
CA SER A 186 10.71 10.07 -11.72
C SER A 186 11.93 9.74 -12.59
N GLY A 187 13.10 10.19 -12.13
CA GLY A 187 14.36 9.95 -12.84
C GLY A 187 14.77 11.16 -13.67
N GLY A 188 13.87 12.14 -13.73
CA GLY A 188 14.10 13.38 -14.46
C GLY A 188 14.16 13.21 -15.98
N PRO A 189 14.36 14.33 -16.71
CA PRO A 189 14.48 14.33 -18.16
C PRO A 189 15.72 13.58 -18.66
N PHE A 190 16.72 13.42 -17.80
CA PHE A 190 18.00 12.84 -18.20
C PHE A 190 18.21 11.42 -17.68
N ARG A 191 17.11 10.75 -17.33
CA ARG A 191 17.15 9.33 -16.95
C ARG A 191 17.73 8.49 -18.08
N GLY A 192 18.77 7.73 -17.77
CA GLY A 192 19.45 6.90 -18.76
C GLY A 192 20.68 7.56 -19.40
N TRP A 193 20.70 8.89 -19.42
CA TRP A 193 21.79 9.67 -20.01
C TRP A 193 23.11 9.34 -19.31
N SER A 194 24.19 9.25 -20.08
CA SER A 194 25.52 9.09 -19.51
C SER A 194 26.04 10.42 -18.95
N ALA A 195 27.16 10.36 -18.23
CA ALA A 195 27.80 11.57 -17.72
C ALA A 195 28.20 12.49 -18.88
N ALA A 196 28.77 11.88 -19.93
CA ALA A 196 29.19 12.61 -21.14
C ALA A 196 28.15 13.61 -21.66
N ASP A 197 26.91 13.15 -21.85
CA ASP A 197 25.85 13.99 -22.41
C ASP A 197 25.10 14.87 -21.39
N LEU A 198 25.44 14.73 -20.11
CA LEU A 198 24.91 15.62 -19.07
C LEU A 198 25.55 17.01 -19.10
N GLU A 199 26.74 17.08 -19.69
CA GLU A 199 27.53 18.32 -19.79
C GLU A 199 26.82 19.37 -20.66
N HIS A 200 26.10 18.91 -21.66
CA HIS A 200 25.54 19.75 -22.72
C HIS A 200 24.10 20.21 -22.46
N VAL A 201 23.59 19.88 -21.27
CA VAL A 201 22.23 20.24 -20.86
C VAL A 201 22.06 21.77 -20.77
N THR A 202 21.02 22.27 -21.42
CA THR A 202 20.67 23.70 -21.37
C THR A 202 19.64 23.96 -20.26
N PRO A 203 19.59 25.20 -19.73
CA PRO A 203 18.57 25.57 -18.74
C PRO A 203 17.12 25.28 -19.14
N GLU A 204 16.88 25.03 -20.43
CA GLU A 204 15.53 24.70 -20.91
C GLU A 204 15.31 23.22 -21.21
N GLN A 205 16.40 22.48 -21.46
CA GLN A 205 16.35 21.01 -21.52
C GLN A 205 15.99 20.44 -20.15
N ALA A 206 16.34 21.18 -19.09
CA ALA A 206 15.96 20.84 -17.72
C ALA A 206 14.75 21.69 -17.28
N GLY A 207 13.93 22.08 -18.25
CA GLY A 207 12.82 23.00 -18.01
C GLY A 207 11.43 22.41 -18.06
N ALA A 208 11.33 21.12 -18.40
CA ALA A 208 10.04 20.41 -18.45
C ALA A 208 10.08 19.09 -17.68
N HIS A 209 9.06 18.86 -16.85
CA HIS A 209 8.96 17.63 -16.06
C HIS A 209 7.79 16.75 -16.54
N PRO A 210 8.06 15.43 -16.75
CA PRO A 210 7.10 14.48 -17.34
C PRO A 210 5.70 14.39 -16.71
N THR A 211 5.60 14.54 -15.38
CA THR A 211 4.32 14.33 -14.67
C THR A 211 3.80 15.53 -13.88
N TRP A 212 4.68 16.45 -13.50
CA TRP A 212 4.28 17.63 -12.71
C TRP A 212 4.72 18.94 -13.37
N SER A 213 3.96 20.01 -13.10
CA SER A 213 4.28 21.35 -13.60
C SER A 213 4.69 22.28 -12.45
N MET A 214 6.00 22.45 -12.26
CA MET A 214 6.54 23.21 -11.13
C MET A 214 7.48 24.35 -11.56
N GLY A 215 7.95 25.13 -10.60
CA GLY A 215 8.81 26.30 -10.87
C GLY A 215 10.19 25.97 -11.43
N PRO A 216 10.89 26.96 -12.03
CA PRO A 216 12.20 26.77 -12.67
C PRO A 216 13.26 26.17 -11.75
N MET A 217 13.15 26.46 -10.45
CA MET A 217 14.01 25.85 -9.43
C MET A 217 13.61 24.40 -9.14
N ASN A 218 12.33 24.19 -8.84
CA ASN A 218 11.82 22.88 -8.42
C ASN A 218 11.85 21.82 -9.53
N THR A 219 11.75 22.27 -10.78
CA THR A 219 11.90 21.39 -11.95
C THR A 219 13.36 21.05 -12.23
N LEU A 220 14.25 21.96 -11.87
CA LEU A 220 15.70 21.75 -12.04
C LEU A 220 16.21 20.76 -11.01
N ASN A 221 15.70 20.90 -9.79
CA ASN A 221 16.02 19.97 -8.69
C ASN A 221 15.60 18.52 -8.95
N SER A 222 14.59 18.33 -9.80
CA SER A 222 14.17 17.00 -10.27
C SER A 222 15.13 16.45 -11.32
N ALA A 223 15.65 17.33 -12.15
CA ALA A 223 16.59 16.95 -13.21
C ALA A 223 17.97 16.54 -12.67
N SER A 224 18.42 17.24 -11.62
CA SER A 224 19.74 16.97 -11.01
C SER A 224 19.67 15.96 -9.88
N LEU A 225 18.45 15.55 -9.51
CA LEU A 225 18.22 14.57 -8.44
C LEU A 225 18.48 15.11 -7.05
N VAL A 226 18.58 16.44 -6.93
CA VAL A 226 18.82 17.07 -5.64
C VAL A 226 17.52 17.17 -4.86
N ASN A 227 16.40 17.30 -5.58
CA ASN A 227 15.07 17.21 -4.94
C ASN A 227 14.88 15.87 -4.23
N LYS A 228 15.34 14.79 -4.86
CA LYS A 228 15.35 13.47 -4.22
C LYS A 228 16.29 13.42 -3.02
N GLY A 229 17.53 13.91 -3.19
CA GLY A 229 18.48 14.03 -2.09
C GLY A 229 17.87 14.77 -0.90
N LEU A 230 17.28 15.93 -1.17
CA LEU A 230 16.62 16.73 -0.13
C LEU A 230 15.46 15.98 0.53
N GLN A 231 14.67 15.24 -0.25
CA GLN A 231 13.57 14.45 0.30
C GLN A 231 14.03 13.30 1.20
N VAL A 232 15.19 12.72 0.88
CA VAL A 232 15.84 11.69 1.72
C VAL A 232 16.20 12.27 3.10
N ILE A 233 16.77 13.48 3.09
CA ILE A 233 17.03 14.21 4.32
C ILE A 233 15.72 14.42 5.09
N GLU A 234 14.71 14.94 4.40
CA GLU A 234 13.39 15.17 5.02
C GLU A 234 12.79 13.89 5.56
N THR A 235 12.94 12.79 4.82
CA THR A 235 12.44 11.48 5.25
C THR A 235 13.10 11.02 6.55
N HIS A 236 14.41 11.22 6.64
CA HIS A 236 15.11 10.88 7.87
C HIS A 236 14.64 11.74 9.03
N LEU A 237 14.43 13.03 8.76
CA LEU A 237 14.04 13.97 9.81
C LEU A 237 12.57 13.84 10.20
N LEU A 238 11.71 13.61 9.22
CA LEU A 238 10.28 13.39 9.50
C LEU A 238 9.97 12.09 10.25
N PHE A 239 10.62 10.99 9.85
CA PHE A 239 10.24 9.64 10.30
C PHE A 239 11.26 8.94 11.20
N GLY A 240 12.46 9.53 11.31
CA GLY A 240 13.49 9.02 12.21
C GLY A 240 14.10 7.70 11.80
N ILE A 241 14.07 7.39 10.50
CA ILE A 241 14.64 6.17 9.99
C ILE A 241 16.06 6.49 9.54
N PRO A 242 17.04 5.60 9.85
CA PRO A 242 18.43 5.81 9.45
C PRO A 242 18.60 5.90 7.93
N TYR A 243 19.61 6.65 7.51
CA TYR A 243 19.87 6.87 6.09
C TYR A 243 20.13 5.61 5.27
N ASP A 244 20.73 4.59 5.90
CA ASP A 244 20.98 3.32 5.23
C ASP A 244 19.74 2.43 5.14
N ARG A 245 18.63 2.91 5.72
CA ARG A 245 17.33 2.25 5.62
C ARG A 245 16.32 3.07 4.80
N ILE A 246 16.81 4.12 4.13
CA ILE A 246 16.01 4.89 3.19
C ILE A 246 16.57 4.68 1.78
N ASP A 247 15.77 4.07 0.92
CA ASP A 247 16.20 3.75 -0.43
C ASP A 247 15.50 4.62 -1.46
N VAL A 248 16.09 4.68 -2.65
CA VAL A 248 15.51 5.43 -3.76
C VAL A 248 15.36 4.49 -4.95
N VAL A 249 14.21 4.51 -5.58
CA VAL A 249 14.02 3.73 -6.82
C VAL A 249 13.47 4.62 -7.92
N VAL A 250 13.94 4.43 -9.14
CA VAL A 250 13.41 5.21 -10.25
C VAL A 250 12.13 4.55 -10.77
N HIS A 251 11.06 5.34 -10.77
CA HIS A 251 9.74 4.95 -11.24
C HIS A 251 9.22 6.07 -12.15
N PRO A 252 9.48 5.95 -13.46
CA PRO A 252 9.21 7.01 -14.45
C PRO A 252 7.76 7.51 -14.50
N GLN A 253 6.83 6.70 -14.03
CA GLN A 253 5.40 6.99 -14.17
C GLN A 253 4.90 7.93 -13.08
N SER A 254 5.60 7.97 -11.95
CA SER A 254 5.19 8.77 -10.79
C SER A 254 3.75 8.47 -10.35
N ILE A 255 3.37 7.19 -10.33
CA ILE A 255 2.04 6.78 -9.88
C ILE A 255 2.16 6.20 -8.48
N ILE A 256 3.11 5.28 -8.30
CA ILE A 256 3.59 4.90 -6.96
C ILE A 256 4.43 6.08 -6.45
N HIS A 257 4.04 6.63 -5.31
CA HIS A 257 4.67 7.83 -4.77
C HIS A 257 5.69 7.53 -3.67
N SER A 258 5.60 6.33 -3.11
CA SER A 258 6.60 5.78 -2.16
C SER A 258 6.06 4.47 -1.56
N MET A 259 6.91 3.78 -0.80
CA MET A 259 6.58 2.48 -0.18
C MET A 259 7.35 2.28 1.12
N VAL A 260 6.81 1.40 1.97
CA VAL A 260 7.51 0.92 3.15
C VAL A 260 7.63 -0.62 3.06
N THR A 261 8.83 -1.13 3.26
CA THR A 261 9.06 -2.57 3.35
C THR A 261 9.15 -2.93 4.84
N PHE A 262 8.39 -3.95 5.25
CA PHE A 262 8.31 -4.40 6.64
C PHE A 262 9.20 -5.63 6.92
N ILE A 263 9.44 -5.95 8.19
CA ILE A 263 10.41 -7.01 8.57
C ILE A 263 10.08 -8.45 8.10
N ASP A 264 8.82 -8.68 7.71
CA ASP A 264 8.35 -9.98 7.24
C ASP A 264 8.49 -10.15 5.73
N GLY A 265 8.82 -9.07 5.03
CA GLY A 265 8.92 -9.12 3.58
C GLY A 265 7.78 -8.43 2.84
N SER A 266 6.80 -7.91 3.57
CA SER A 266 5.70 -7.20 2.94
C SER A 266 6.08 -5.76 2.66
N THR A 267 5.71 -5.29 1.46
CA THR A 267 5.84 -3.89 1.06
C THR A 267 4.43 -3.33 0.91
N ILE A 268 4.18 -2.19 1.53
CA ILE A 268 2.93 -1.46 1.37
C ILE A 268 3.25 -0.21 0.54
N ALA A 269 2.49 0.00 -0.53
CA ALA A 269 2.74 1.10 -1.46
C ALA A 269 1.51 2.03 -1.57
N GLN A 270 1.74 3.32 -1.81
CA GLN A 270 0.65 4.26 -2.08
C GLN A 270 0.71 4.72 -3.53
N ALA A 271 -0.46 4.75 -4.18
CA ALA A 271 -0.55 5.06 -5.60
C ALA A 271 -1.75 5.97 -5.92
N SER A 272 -1.54 6.94 -6.79
CA SER A 272 -2.59 7.82 -7.29
C SER A 272 -2.07 8.50 -8.53
N PRO A 273 -2.98 8.90 -9.45
CA PRO A 273 -2.56 9.78 -10.55
C PRO A 273 -1.96 11.08 -10.00
N PRO A 274 -0.85 11.56 -10.59
CA PRO A 274 -0.24 12.77 -10.04
C PRO A 274 -1.22 13.96 -9.92
N ASP A 275 -1.54 14.32 -8.69
CA ASP A 275 -2.39 15.46 -8.37
C ASP A 275 -2.12 15.80 -6.91
N MET A 276 -1.53 16.99 -6.69
CA MET A 276 -1.08 17.42 -5.37
C MET A 276 -2.23 17.68 -4.42
N LYS A 277 -3.43 17.84 -4.95
CA LYS A 277 -4.61 18.09 -4.10
C LYS A 277 -4.82 16.95 -3.11
N LEU A 278 -4.42 15.74 -3.50
CA LEU A 278 -4.51 14.58 -2.60
C LEU A 278 -3.60 14.69 -1.36
N PRO A 279 -2.26 14.73 -1.54
CA PRO A 279 -1.43 14.95 -0.34
C PRO A 279 -1.71 16.25 0.42
N ILE A 280 -2.09 17.33 -0.28
CA ILE A 280 -2.45 18.59 0.38
C ILE A 280 -3.65 18.40 1.30
N SER A 281 -4.73 17.83 0.78
CA SER A 281 -5.97 17.66 1.55
C SER A 281 -5.75 16.75 2.77
N LEU A 282 -4.93 15.73 2.60
CA LEU A 282 -4.55 14.81 3.67
C LEU A 282 -3.64 15.48 4.70
N ALA A 283 -2.78 16.39 4.26
CA ALA A 283 -1.94 17.17 5.18
C ALA A 283 -2.76 18.17 5.98
N LEU A 284 -3.79 18.75 5.38
CA LEU A 284 -4.64 19.70 6.08
C LEU A 284 -5.58 19.00 7.06
N GLY A 285 -6.08 17.82 6.65
CA GLY A 285 -7.08 17.11 7.43
C GLY A 285 -6.56 16.02 8.34
N TRP A 286 -5.25 15.76 8.32
CA TRP A 286 -4.63 14.62 9.03
C TRP A 286 -5.21 14.46 10.43
N PRO A 287 -5.59 13.21 10.83
CA PRO A 287 -5.44 11.93 10.12
C PRO A 287 -6.53 11.58 9.10
N ARG A 288 -7.53 12.45 8.95
CA ARG A 288 -8.74 12.16 8.18
C ARG A 288 -8.60 12.41 6.69
N ARG A 289 -9.08 11.48 5.90
CA ARG A 289 -9.07 11.60 4.44
C ARG A 289 -10.20 12.50 3.98
N VAL A 290 -9.95 13.24 2.91
CA VAL A 290 -10.90 14.23 2.41
C VAL A 290 -11.57 13.71 1.15
N SER A 291 -12.85 13.35 1.29
CA SER A 291 -13.64 12.77 0.21
C SER A 291 -13.54 13.60 -1.07
N GLY A 292 -13.21 12.93 -2.17
CA GLY A 292 -13.17 13.54 -3.50
C GLY A 292 -11.97 14.42 -3.83
N ALA A 293 -10.96 14.44 -2.96
CA ALA A 293 -9.81 15.33 -3.12
C ALA A 293 -9.16 15.22 -4.50
N ALA A 294 -9.08 13.98 -5.00
CA ALA A 294 -8.40 13.70 -6.23
C ALA A 294 -9.00 12.46 -6.90
N ALA A 295 -8.76 12.35 -8.20
CA ALA A 295 -9.13 11.15 -8.95
C ALA A 295 -8.26 9.96 -8.55
N ALA A 296 -8.91 8.80 -8.42
CA ALA A 296 -8.24 7.54 -8.11
C ALA A 296 -7.68 6.89 -9.37
N CYS A 297 -6.67 6.04 -9.19
CA CYS A 297 -6.17 5.16 -10.24
C CYS A 297 -7.34 4.40 -10.86
N ASP A 298 -7.40 4.43 -12.19
CA ASP A 298 -8.45 3.74 -12.92
C ASP A 298 -7.92 2.41 -13.41
N PHE A 299 -8.45 1.32 -12.84
CA PHE A 299 -8.02 -0.03 -13.23
C PHE A 299 -8.88 -0.67 -14.33
N HIS A 300 -9.75 0.13 -14.94
CA HIS A 300 -10.54 -0.28 -16.11
C HIS A 300 -9.79 -0.01 -17.42
N THR A 301 -8.58 0.51 -17.30
CA THR A 301 -7.75 0.75 -18.48
C THR A 301 -6.31 0.27 -18.21
N ALA A 302 -5.66 -0.28 -19.23
CA ALA A 302 -4.34 -0.86 -19.07
C ALA A 302 -3.33 0.18 -18.58
N SER A 303 -2.47 -0.23 -17.65
CA SER A 303 -1.38 0.62 -17.19
C SER A 303 -0.15 -0.22 -16.84
N SER A 304 0.97 0.47 -16.62
CA SER A 304 2.23 -0.20 -16.31
C SER A 304 3.09 0.63 -15.35
N TRP A 305 3.50 0.00 -14.25
CA TRP A 305 4.34 0.66 -13.26
C TRP A 305 5.72 0.06 -13.32
N GLU A 306 6.66 0.86 -13.81
CA GLU A 306 8.01 0.41 -14.03
C GLU A 306 8.95 0.93 -12.94
N PHE A 307 9.91 0.08 -12.58
CA PHE A 307 10.91 0.40 -11.57
C PHE A 307 12.28 0.04 -12.11
N GLU A 308 13.23 0.95 -11.91
CA GLU A 308 14.62 0.69 -12.27
C GLU A 308 15.55 1.32 -11.23
N PRO A 309 16.74 0.72 -11.02
CA PRO A 309 17.68 1.29 -10.07
C PRO A 309 18.20 2.64 -10.53
N LEU A 310 18.43 3.54 -9.56
CA LEU A 310 19.06 4.82 -9.87
C LEU A 310 20.53 4.59 -10.19
N ASP A 311 21.01 5.39 -11.14
CA ASP A 311 22.41 5.37 -11.54
C ASP A 311 23.18 6.29 -10.61
N THR A 312 23.75 5.70 -9.57
CA THR A 312 24.44 6.47 -8.53
C THR A 312 25.82 6.98 -8.97
N ASP A 313 26.30 6.50 -10.11
CA ASP A 313 27.53 7.01 -10.71
C ASP A 313 27.31 8.33 -11.45
N VAL A 314 26.25 8.38 -12.25
CA VAL A 314 25.90 9.58 -13.02
C VAL A 314 25.10 10.57 -12.16
N PHE A 315 24.36 10.06 -11.17
CA PHE A 315 23.50 10.90 -10.32
C PHE A 315 23.79 10.72 -8.81
N PRO A 316 24.95 11.22 -8.33
CA PRO A 316 25.37 10.98 -6.94
C PRO A 316 24.77 11.93 -5.91
N ALA A 317 23.81 12.75 -6.31
CA ALA A 317 23.19 13.75 -5.42
C ALA A 317 22.43 13.19 -4.21
N VAL A 318 21.87 11.99 -4.35
CA VAL A 318 21.19 11.33 -3.22
C VAL A 318 22.18 10.82 -2.18
N GLU A 319 23.24 10.15 -2.64
CA GLU A 319 24.27 9.64 -1.73
C GLU A 319 24.98 10.80 -1.04
N LEU A 320 25.17 11.89 -1.79
CA LEU A 320 25.74 13.13 -1.26
C LEU A 320 24.84 13.74 -0.19
N ALA A 321 23.52 13.61 -0.35
CA ALA A 321 22.56 14.00 0.68
C ALA A 321 22.58 13.10 1.93
N ARG A 322 22.79 11.79 1.75
CA ARG A 322 23.01 10.88 2.88
C ARG A 322 24.27 11.24 3.66
N GLN A 323 25.34 11.54 2.93
CA GLN A 323 26.62 11.92 3.54
C GLN A 323 26.48 13.19 4.38
N ALA A 324 25.80 14.19 3.83
CA ALA A 324 25.51 15.43 4.52
C ALA A 324 24.60 15.18 5.72
N GLY A 325 23.63 14.29 5.53
CA GLY A 325 22.65 13.98 6.57
C GLY A 325 23.22 13.21 7.75
N VAL A 326 24.10 12.27 7.46
CA VAL A 326 24.84 11.51 8.48
C VAL A 326 25.75 12.43 9.29
N ALA A 327 26.38 13.40 8.62
CA ALA A 327 27.24 14.39 9.29
C ALA A 327 26.44 15.29 10.24
N GLY A 328 25.18 15.55 9.92
CA GLY A 328 24.25 16.27 10.79
C GLY A 328 24.59 17.71 11.13
N GLY A 329 23.93 18.22 12.16
CA GLY A 329 24.16 19.58 12.62
C GLY A 329 23.60 20.55 11.61
N CYS A 330 24.48 21.31 10.99
CA CYS A 330 24.10 22.28 9.95
C CYS A 330 24.58 21.89 8.57
N MET A 331 25.02 20.63 8.41
CA MET A 331 25.54 20.13 7.14
C MET A 331 24.50 19.97 6.01
N THR A 332 23.25 19.72 6.38
CA THR A 332 22.20 19.65 5.36
C THR A 332 21.76 21.06 4.91
N ALA A 333 21.87 22.03 5.83
CA ALA A 333 21.73 23.45 5.50
C ALA A 333 22.81 23.85 4.49
N VAL A 334 24.00 23.30 4.65
CA VAL A 334 25.11 23.50 3.71
C VAL A 334 24.80 22.87 2.35
N TYR A 335 24.22 21.66 2.38
CA TYR A 335 23.87 20.92 1.16
C TYR A 335 22.80 21.68 0.39
N ASN A 336 21.80 22.16 1.10
CA ASN A 336 20.73 22.94 0.48
C ASN A 336 21.22 24.27 -0.07
N ALA A 337 21.79 25.11 0.80
CA ALA A 337 22.29 26.44 0.41
C ALA A 337 23.30 26.40 -0.73
N ALA A 338 24.13 25.35 -0.76
CA ALA A 338 25.10 25.18 -1.84
C ALA A 338 24.39 24.93 -3.16
N ASN A 339 23.29 24.16 -3.09
CA ASN A 339 22.45 23.88 -4.25
C ASN A 339 21.78 25.14 -4.80
N GLU A 340 21.11 25.89 -3.93
CA GLU A 340 20.44 27.13 -4.31
C GLU A 340 21.35 28.04 -5.12
N GLU A 341 22.58 28.23 -4.63
CA GLU A 341 23.56 29.12 -5.27
C GLU A 341 24.11 28.57 -6.59
N ALA A 342 24.45 27.28 -6.61
CA ALA A 342 24.96 26.63 -7.82
C ALA A 342 23.87 26.50 -8.89
N ALA A 343 22.62 26.36 -8.45
CA ALA A 343 21.47 26.25 -9.34
C ALA A 343 21.15 27.59 -10.00
N ALA A 344 21.20 28.66 -9.20
CA ALA A 344 21.00 30.02 -9.71
C ALA A 344 22.07 30.34 -10.76
N ALA A 345 23.30 29.88 -10.52
CA ALA A 345 24.41 30.03 -11.47
C ALA A 345 24.17 29.25 -12.77
N PHE A 346 23.50 28.10 -12.67
CA PHE A 346 23.15 27.32 -13.86
C PHE A 346 22.07 27.99 -14.69
N LEU A 347 21.03 28.46 -14.02
CA LEU A 347 19.90 29.11 -14.67
C LEU A 347 20.30 30.47 -15.26
N ALA A 348 21.24 31.15 -14.61
CA ALA A 348 21.82 32.39 -15.10
C ALA A 348 22.68 32.15 -16.34
N GLY A 349 23.25 30.95 -16.45
CA GLY A 349 24.01 30.53 -17.63
C GLY A 349 25.51 30.53 -17.41
N ARG A 350 25.91 30.68 -16.14
CA ARG A 350 27.31 30.85 -15.75
C ARG A 350 28.08 29.52 -15.65
N ILE A 351 27.39 28.45 -15.21
CA ILE A 351 28.01 27.13 -15.07
C ILE A 351 27.22 26.04 -15.81
N GLY A 352 27.86 24.91 -16.06
CA GLY A 352 27.21 23.74 -16.68
C GLY A 352 26.35 22.90 -15.73
N PHE A 353 25.55 21.98 -16.29
CA PHE A 353 24.63 21.13 -15.51
C PHE A 353 25.30 20.21 -14.46
N PRO A 354 26.30 19.39 -14.86
CA PRO A 354 27.03 18.57 -13.89
C PRO A 354 27.77 19.36 -12.79
N ALA A 355 27.93 20.67 -12.98
CA ALA A 355 28.63 21.51 -12.01
C ALA A 355 27.77 21.86 -10.79
N ILE A 356 26.48 21.58 -10.85
CA ILE A 356 25.61 21.79 -9.69
C ILE A 356 26.01 20.84 -8.56
N VAL A 357 26.05 19.55 -8.86
CA VAL A 357 26.33 18.50 -7.87
C VAL A 357 27.83 18.40 -7.59
N GLY A 358 28.65 18.73 -8.58
CA GLY A 358 30.11 18.76 -8.40
C GLY A 358 30.52 19.84 -7.41
N ILE A 359 29.83 20.98 -7.48
CA ILE A 359 30.03 22.08 -6.54
C ILE A 359 29.45 21.75 -5.17
N ILE A 360 28.32 21.03 -5.13
CA ILE A 360 27.78 20.54 -3.86
C ILE A 360 28.83 19.66 -3.15
N ALA A 361 29.40 18.72 -3.89
CA ALA A 361 30.45 17.84 -3.37
C ALA A 361 31.64 18.63 -2.83
N ASP A 362 32.15 19.56 -3.63
CA ASP A 362 33.30 20.37 -3.24
C ASP A 362 33.03 21.21 -1.99
N VAL A 363 31.83 21.77 -1.88
CA VAL A 363 31.44 22.58 -0.72
C VAL A 363 31.25 21.73 0.56
N LEU A 364 30.59 20.58 0.46
CA LEU A 364 30.44 19.69 1.62
C LEU A 364 31.81 19.21 2.16
N HIS A 365 32.74 19.00 1.25
CA HIS A 365 34.11 18.57 1.58
C HIS A 365 34.91 19.62 2.38
N ALA A 366 34.52 20.87 2.26
CA ALA A 366 35.16 21.98 2.99
C ALA A 366 34.40 22.37 4.25
N ALA A 367 33.21 21.81 4.44
CA ALA A 367 32.26 22.27 5.46
C ALA A 367 32.45 21.62 6.84
N ASP A 368 33.69 21.25 7.13
CA ASP A 368 34.10 20.64 8.41
C ASP A 368 33.37 21.16 9.64
N GLN A 369 33.42 22.47 9.84
CA GLN A 369 32.93 23.10 11.06
C GLN A 369 31.41 23.03 11.28
N TRP A 370 30.66 22.80 10.21
CA TRP A 370 29.20 22.88 10.26
C TRP A 370 28.46 21.61 10.67
N ALA A 371 29.15 20.72 11.37
CA ALA A 371 28.53 19.49 11.87
C ALA A 371 28.01 19.68 13.30
N VAL A 372 28.34 20.84 13.88
CA VAL A 372 27.79 21.24 15.19
C VAL A 372 26.30 21.48 15.05
N GLU A 373 25.53 21.00 16.04
CA GLU A 373 24.09 21.18 16.06
C GLU A 373 23.75 22.65 16.30
N PRO A 374 22.69 23.15 15.63
CA PRO A 374 22.32 24.55 15.83
C PRO A 374 21.57 24.76 17.14
N ALA A 375 21.93 25.79 17.88
CA ALA A 375 21.25 26.14 19.12
C ALA A 375 20.12 27.13 18.82
N THR A 376 20.38 28.03 17.87
CA THR A 376 19.44 29.07 17.47
C THR A 376 19.40 29.20 15.96
N VAL A 377 18.41 29.92 15.45
CA VAL A 377 18.24 30.16 14.02
C VAL A 377 19.52 30.72 13.40
N ASP A 378 20.28 31.49 14.17
CA ASP A 378 21.48 32.13 13.65
C ASP A 378 22.58 31.16 13.28
N ASP A 379 22.75 30.11 14.09
CA ASP A 379 23.67 29.01 13.75
C ASP A 379 23.36 28.48 12.35
N VAL A 380 22.07 28.20 12.10
CA VAL A 380 21.58 27.76 10.78
C VAL A 380 21.88 28.80 9.72
N LEU A 381 21.58 30.06 10.03
CA LEU A 381 21.84 31.19 9.15
C LEU A 381 23.34 31.39 8.88
N ASP A 382 24.17 31.24 9.92
CA ASP A 382 25.64 31.27 9.79
C ASP A 382 26.18 30.21 8.83
N ALA A 383 25.68 28.98 8.92
CA ALA A 383 26.11 27.89 8.03
C ALA A 383 25.74 28.12 6.56
N GLN A 384 24.54 28.65 6.34
CA GLN A 384 24.02 28.92 4.99
C GLN A 384 24.81 30.06 4.33
N ARG A 385 25.06 31.11 5.11
CA ARG A 385 25.92 32.23 4.69
C ARG A 385 27.28 31.70 4.19
N TRP A 386 27.94 30.89 5.02
CA TRP A 386 29.21 30.27 4.65
C TRP A 386 29.08 29.47 3.34
N ALA A 387 28.10 28.56 3.31
CA ALA A 387 27.87 27.68 2.16
C ALA A 387 27.65 28.45 0.86
N ARG A 388 26.84 29.51 0.93
CA ARG A 388 26.59 30.39 -0.23
C ARG A 388 27.88 30.99 -0.77
N GLU A 389 28.67 31.59 0.13
CA GLU A 389 29.98 32.18 -0.17
C GLU A 389 30.93 31.13 -0.77
N ARG A 390 31.07 30.00 -0.08
CA ARG A 390 31.92 28.91 -0.55
C ARG A 390 31.46 28.39 -1.92
N ALA A 391 30.14 28.33 -2.11
CA ALA A 391 29.53 27.99 -3.39
C ALA A 391 29.86 29.01 -4.47
N GLN A 392 29.80 30.30 -4.13
CA GLN A 392 30.20 31.38 -5.04
C GLN A 392 31.67 31.27 -5.42
N ARG A 393 32.55 31.03 -4.43
CA ARG A 393 33.98 30.84 -4.69
C ARG A 393 34.28 29.66 -5.62
N ALA A 394 33.49 28.60 -5.51
CA ALA A 394 33.60 27.44 -6.40
C ALA A 394 33.18 27.76 -7.84
N VAL A 395 32.11 28.55 -7.96
CA VAL A 395 31.65 29.06 -9.25
C VAL A 395 32.72 29.94 -9.88
N SER A 396 33.27 30.86 -9.07
CA SER A 396 34.35 31.76 -9.52
C SER A 396 35.51 31.01 -10.18
N GLY A 397 35.75 29.77 -9.74
CA GLY A 397 36.86 28.97 -10.25
C GLY A 397 36.62 28.28 -11.58
N MET A 398 35.46 28.52 -12.18
CA MET A 398 35.09 27.87 -13.44
C MET A 398 34.23 28.75 -14.35
N GLY B 20 4.67 -13.04 23.41
CA GLY B 20 4.40 -14.38 24.06
C GLY B 20 4.00 -15.45 23.05
N ARG B 21 4.01 -16.71 23.49
CA ARG B 21 3.83 -17.85 22.60
C ARG B 21 2.37 -18.15 22.30
N LEU B 22 2.04 -18.34 21.02
CA LEU B 22 0.68 -18.71 20.64
C LEU B 22 0.58 -20.22 20.40
N ARG B 23 -0.38 -20.84 21.06
CA ARG B 23 -0.68 -22.27 20.87
C ARG B 23 -1.52 -22.43 19.60
N VAL B 24 -1.02 -23.22 18.65
CA VAL B 24 -1.65 -23.36 17.33
C VAL B 24 -2.14 -24.79 17.09
N VAL B 25 -3.39 -24.91 16.65
CA VAL B 25 -3.92 -26.15 16.11
C VAL B 25 -3.89 -26.08 14.58
N VAL B 26 -3.18 -27.01 13.95
CA VAL B 26 -3.13 -27.04 12.48
C VAL B 26 -4.06 -28.10 11.92
N LEU B 27 -5.17 -27.66 11.33
CA LEU B 27 -6.11 -28.57 10.67
C LEU B 27 -5.78 -28.62 9.19
N GLY B 28 -5.64 -29.83 8.64
CA GLY B 28 -5.12 -30.01 7.28
C GLY B 28 -3.60 -29.88 7.29
N SER B 29 -2.96 -30.68 8.13
CA SER B 29 -1.53 -30.50 8.40
C SER B 29 -0.62 -31.03 7.27
N THR B 30 -1.15 -31.92 6.45
CA THR B 30 -0.36 -32.62 5.44
C THR B 30 -0.47 -31.97 4.06
N GLY B 31 -1.31 -30.93 3.96
CA GLY B 31 -1.45 -30.15 2.73
C GLY B 31 -0.43 -29.03 2.56
N SER B 32 -0.53 -28.31 1.46
CA SER B 32 0.41 -27.25 1.08
C SER B 32 0.49 -26.13 2.12
N ILE B 33 -0.67 -25.54 2.45
CA ILE B 33 -0.76 -24.51 3.50
C ILE B 33 -0.29 -25.04 4.86
N GLY B 34 -0.78 -26.20 5.26
CA GLY B 34 -0.47 -26.78 6.58
C GLY B 34 1.01 -27.07 6.81
N THR B 35 1.68 -27.56 5.77
CA THR B 35 3.11 -27.88 5.87
C THR B 35 3.98 -26.63 5.84
N GLN B 36 3.54 -25.63 5.09
CA GLN B 36 4.18 -24.32 5.08
C GLN B 36 4.01 -23.61 6.42
N ALA B 37 2.82 -23.74 7.00
CA ALA B 37 2.57 -23.20 8.34
C ALA B 37 3.44 -23.86 9.40
N LEU B 38 3.62 -25.18 9.30
CA LEU B 38 4.52 -25.90 10.21
C LEU B 38 5.98 -25.49 10.06
N GLN B 39 6.41 -25.17 8.83
CA GLN B 39 7.73 -24.59 8.61
C GLN B 39 7.91 -23.22 9.28
N VAL B 40 6.88 -22.38 9.20
CA VAL B 40 6.91 -21.06 9.83
C VAL B 40 6.94 -21.20 11.35
N ILE B 41 6.13 -22.11 11.88
CA ILE B 41 6.12 -22.40 13.31
C ILE B 41 7.48 -22.97 13.78
N ALA B 42 8.12 -23.78 12.93
CA ALA B 42 9.42 -24.39 13.28
C ALA B 42 10.55 -23.36 13.25
N ASP B 43 10.45 -22.37 12.37
CA ASP B 43 11.44 -21.29 12.31
C ASP B 43 11.21 -20.25 13.40
N ASN B 44 10.05 -20.28 14.05
CA ASN B 44 9.69 -19.28 15.07
C ASN B 44 9.15 -19.86 16.39
N PRO B 45 9.95 -20.72 17.09
CA PRO B 45 9.46 -21.34 18.35
C PRO B 45 9.11 -20.32 19.44
N ASP B 46 9.70 -19.14 19.34
CA ASP B 46 9.39 -18.04 20.27
C ASP B 46 7.96 -17.54 20.15
N ARG B 47 7.44 -17.56 18.93
N ARG B 47 7.44 -17.53 18.92
CA ARG B 47 6.13 -16.98 18.62
CA ARG B 47 6.11 -16.99 18.64
C ARG B 47 5.01 -18.00 18.69
C ARG B 47 5.01 -18.03 18.74
N PHE B 48 5.28 -19.23 18.22
CA PHE B 48 4.25 -20.26 18.10
C PHE B 48 4.66 -21.61 18.67
N GLU B 49 3.70 -22.35 19.21
CA GLU B 49 3.84 -23.81 19.42
C GLU B 49 2.64 -24.55 18.87
N VAL B 50 2.90 -25.69 18.22
CA VAL B 50 1.85 -26.59 17.73
C VAL B 50 1.32 -27.42 18.89
N VAL B 51 0.00 -27.51 18.99
CA VAL B 51 -0.65 -28.24 20.09
C VAL B 51 -1.69 -29.23 19.55
N GLY B 52 -1.94 -29.17 18.25
CA GLY B 52 -2.90 -30.06 17.62
C GLY B 52 -2.56 -30.20 16.15
N LEU B 53 -2.81 -31.39 15.61
CA LEU B 53 -2.65 -31.65 14.19
C LEU B 53 -3.83 -32.50 13.70
N ALA B 54 -4.45 -32.08 12.59
CA ALA B 54 -5.50 -32.87 11.99
C ALA B 54 -5.27 -33.08 10.49
N ALA B 55 -5.47 -34.32 10.04
CA ALA B 55 -5.34 -34.69 8.63
C ALA B 55 -6.48 -35.59 8.21
N GLY B 56 -6.61 -35.79 6.91
CA GLY B 56 -7.68 -36.59 6.34
C GLY B 56 -7.47 -38.10 6.41
N GLY B 57 -6.21 -38.54 6.33
CA GLY B 57 -5.91 -39.97 6.27
C GLY B 57 -5.18 -40.44 5.01
N ALA B 58 -5.41 -39.77 3.89
CA ALA B 58 -4.70 -40.13 2.64
C ALA B 58 -3.19 -40.00 2.79
N HIS B 59 -2.75 -39.05 3.62
CA HIS B 59 -1.33 -38.89 3.88
C HIS B 59 -0.99 -39.21 5.33
N LEU B 60 -1.47 -40.37 5.76
CA LEU B 60 -1.30 -40.84 7.12
C LEU B 60 0.17 -40.93 7.50
N ASP B 61 0.99 -41.39 6.56
CA ASP B 61 2.42 -41.50 6.78
C ASP B 61 3.05 -40.16 7.11
N THR B 62 2.63 -39.11 6.40
CA THR B 62 3.11 -37.75 6.67
C THR B 62 2.76 -37.28 8.07
N LEU B 63 1.51 -37.52 8.49
CA LEU B 63 1.04 -37.15 9.80
C LEU B 63 1.84 -37.83 10.92
N LEU B 64 2.15 -39.12 10.73
CA LEU B 64 2.91 -39.88 11.73
C LEU B 64 4.37 -39.42 11.83
N ARG B 65 4.93 -38.98 10.71
CA ARG B 65 6.24 -38.32 10.69
C ARG B 65 6.16 -36.96 11.38
N GLN B 66 5.06 -36.25 11.15
CA GLN B 66 4.81 -34.99 11.87
C GLN B 66 4.69 -35.22 13.38
N ARG B 67 3.95 -36.26 13.77
CA ARG B 67 3.86 -36.61 15.19
C ARG B 67 5.25 -36.88 15.77
N ALA B 68 6.06 -37.66 15.04
CA ALA B 68 7.40 -38.01 15.48
C ALA B 68 8.35 -36.80 15.53
N GLN B 69 8.18 -35.84 14.62
CA GLN B 69 9.06 -34.67 14.52
C GLN B 69 8.74 -33.58 15.53
N THR B 70 7.45 -33.29 15.70
CA THR B 70 6.99 -32.22 16.58
C THR B 70 6.80 -32.67 18.02
N GLY B 71 6.60 -33.98 18.22
CA GLY B 71 6.30 -34.52 19.54
C GLY B 71 4.85 -34.39 19.93
N VAL B 72 4.05 -33.80 19.03
CA VAL B 72 2.60 -33.63 19.23
C VAL B 72 1.84 -34.95 19.05
N THR B 73 1.24 -35.41 20.14
CA THR B 73 0.46 -36.65 20.15
C THR B 73 -1.02 -36.36 20.04
N ASN B 74 -1.37 -35.08 20.22
CA ASN B 74 -2.76 -34.64 20.08
C ASN B 74 -3.12 -34.51 18.60
N ILE B 75 -3.43 -35.64 17.97
CA ILE B 75 -3.66 -35.70 16.52
C ILE B 75 -5.01 -36.33 16.15
N ALA B 76 -5.53 -35.89 15.00
CA ALA B 76 -6.79 -36.38 14.48
C ALA B 76 -6.65 -36.92 13.06
N VAL B 77 -7.32 -38.03 12.79
CA VAL B 77 -7.41 -38.64 11.46
C VAL B 77 -8.89 -38.85 11.11
N ALA B 78 -9.36 -38.21 10.04
CA ALA B 78 -10.77 -38.34 9.63
C ALA B 78 -11.13 -39.76 9.19
N ASP B 79 -10.25 -40.37 8.42
CA ASP B 79 -10.52 -41.69 7.88
C ASP B 79 -10.34 -42.77 8.95
N GLU B 80 -11.45 -43.38 9.37
CA GLU B 80 -11.43 -44.53 10.29
C GLU B 80 -10.63 -45.70 9.74
N HIS B 81 -10.86 -46.00 8.47
CA HIS B 81 -10.14 -47.07 7.78
C HIS B 81 -8.62 -46.88 7.83
N ALA B 82 -8.16 -45.65 7.57
CA ALA B 82 -6.74 -45.30 7.68
C ALA B 82 -6.24 -45.29 9.12
N ALA B 83 -7.15 -44.98 10.05
CA ALA B 83 -6.83 -44.94 11.47
C ALA B 83 -6.59 -46.34 12.04
N GLN B 84 -7.16 -47.38 11.41
CA GLN B 84 -6.93 -48.80 11.77
C GLN B 84 -5.45 -49.19 11.73
N ARG B 85 -4.66 -48.43 10.98
CA ARG B 85 -3.25 -48.72 10.79
C ARG B 85 -2.38 -48.31 11.97
N VAL B 86 -2.94 -47.58 12.92
CA VAL B 86 -2.11 -46.92 13.93
C VAL B 86 -2.35 -47.32 15.41
N GLY B 87 -3.59 -47.30 15.87
CA GLY B 87 -3.89 -47.76 17.22
C GLY B 87 -3.71 -46.79 18.38
N ASP B 88 -3.04 -45.66 18.15
CA ASP B 88 -2.89 -44.64 19.20
C ASP B 88 -3.25 -43.20 18.76
N ILE B 89 -4.23 -43.09 17.87
CA ILE B 89 -4.80 -41.80 17.46
C ILE B 89 -5.94 -41.45 18.44
N PRO B 90 -5.76 -40.40 19.27
CA PRO B 90 -6.82 -40.01 20.22
C PRO B 90 -8.14 -39.60 19.54
N TYR B 91 -8.07 -39.01 18.35
CA TYR B 91 -9.28 -38.67 17.58
C TYR B 91 -9.27 -39.25 16.18
N HIS B 92 -10.22 -40.14 15.91
CA HIS B 92 -10.34 -40.75 14.59
C HIS B 92 -11.80 -40.88 14.16
N GLY B 93 -12.04 -40.96 12.86
CA GLY B 93 -13.41 -41.03 12.34
C GLY B 93 -13.97 -39.68 11.93
N SER B 94 -15.28 -39.63 11.70
CA SER B 94 -15.89 -38.38 11.23
C SER B 94 -16.08 -37.43 12.41
N ASP B 95 -15.84 -36.15 12.17
CA ASP B 95 -15.84 -35.12 13.21
C ASP B 95 -14.65 -35.23 14.18
N ALA B 96 -13.62 -35.98 13.79
CA ALA B 96 -12.41 -36.10 14.61
C ALA B 96 -11.73 -34.73 14.77
N ALA B 97 -11.65 -33.98 13.68
CA ALA B 97 -11.05 -32.65 13.69
C ALA B 97 -11.87 -31.68 14.54
N THR B 98 -13.19 -31.74 14.42
CA THR B 98 -14.11 -30.97 15.27
C THR B 98 -13.89 -31.29 16.75
N ARG B 99 -13.84 -32.57 17.08
CA ARG B 99 -13.63 -33.01 18.47
C ARG B 99 -12.28 -32.56 19.00
N LEU B 100 -11.24 -32.66 18.18
CA LEU B 100 -9.90 -32.19 18.56
C LEU B 100 -9.91 -30.69 18.83
N VAL B 101 -10.70 -29.93 18.06
CA VAL B 101 -10.85 -28.50 18.27
C VAL B 101 -11.57 -28.18 19.58
N GLU B 102 -12.64 -28.90 19.85
CA GLU B 102 -13.45 -28.71 21.05
C GLU B 102 -12.69 -29.01 22.34
N GLN B 103 -11.71 -29.91 22.23
CA GLN B 103 -11.06 -30.47 23.40
C GLN B 103 -9.58 -30.10 23.58
N THR B 104 -9.09 -29.16 22.76
CA THR B 104 -7.71 -28.66 22.84
C THR B 104 -7.69 -27.16 23.15
N GLU B 105 -6.95 -26.78 24.18
CA GLU B 105 -6.72 -25.37 24.50
C GLU B 105 -5.75 -24.76 23.50
N ALA B 106 -6.20 -23.73 22.79
CA ALA B 106 -5.37 -23.09 21.78
C ALA B 106 -5.71 -21.62 21.65
N ASP B 107 -4.79 -20.86 21.07
CA ASP B 107 -5.01 -19.44 20.78
C ASP B 107 -5.39 -19.22 19.33
N VAL B 108 -4.81 -20.03 18.44
CA VAL B 108 -5.06 -19.98 17.00
C VAL B 108 -5.43 -21.36 16.47
N VAL B 109 -6.50 -21.41 15.68
CA VAL B 109 -6.80 -22.58 14.90
C VAL B 109 -6.56 -22.24 13.43
N LEU B 110 -5.59 -22.89 12.83
CA LEU B 110 -5.41 -22.80 11.40
C LEU B 110 -6.29 -23.83 10.75
N ASN B 111 -7.31 -23.37 10.05
CA ASN B 111 -8.14 -24.26 9.27
C ASN B 111 -7.72 -24.29 7.80
N ALA B 112 -6.89 -25.28 7.46
CA ALA B 112 -6.44 -25.49 6.08
C ALA B 112 -6.99 -26.81 5.55
N LEU B 113 -8.17 -27.20 6.04
CA LEU B 113 -8.89 -28.34 5.49
C LEU B 113 -9.51 -28.01 4.14
N VAL B 114 -9.71 -29.05 3.33
CA VAL B 114 -10.22 -28.88 1.97
C VAL B 114 -11.71 -29.24 1.92
N GLY B 115 -12.49 -28.38 1.27
CA GLY B 115 -13.91 -28.65 1.03
C GLY B 115 -14.82 -28.62 2.25
N ALA B 116 -15.87 -29.44 2.16
CA ALA B 116 -17.01 -29.44 3.08
C ALA B 116 -16.66 -29.85 4.49
N LEU B 117 -15.56 -30.56 4.66
CA LEU B 117 -15.18 -31.03 5.99
C LEU B 117 -14.44 -29.97 6.83
N GLY B 118 -14.21 -28.80 6.24
CA GLY B 118 -13.67 -27.66 6.99
C GLY B 118 -14.71 -26.86 7.75
N LEU B 119 -15.97 -27.02 7.37
CA LEU B 119 -17.07 -26.18 7.86
C LEU B 119 -17.40 -26.33 9.35
N ARG B 120 -17.52 -27.58 9.83
CA ARG B 120 -17.80 -27.81 11.26
C ARG B 120 -16.64 -27.47 12.19
N PRO B 121 -15.38 -27.84 11.83
CA PRO B 121 -14.24 -27.36 12.62
C PRO B 121 -14.13 -25.83 12.71
N THR B 122 -14.46 -25.12 11.63
CA THR B 122 -14.56 -23.64 11.66
C THR B 122 -15.55 -23.21 12.75
N LEU B 123 -16.74 -23.79 12.74
CA LEU B 123 -17.78 -23.46 13.72
C LEU B 123 -17.37 -23.82 15.15
N ALA B 124 -16.84 -25.03 15.34
CA ALA B 124 -16.25 -25.42 16.60
C ALA B 124 -15.15 -24.44 17.02
N ALA B 125 -14.27 -24.08 16.09
CA ALA B 125 -13.16 -23.15 16.38
C ALA B 125 -13.64 -21.78 16.83
N LEU B 126 -14.71 -21.28 16.20
CA LEU B 126 -15.28 -19.98 16.58
C LEU B 126 -15.87 -20.01 17.98
N LYS B 127 -16.47 -21.14 18.34
CA LYS B 127 -17.12 -21.30 19.66
C LYS B 127 -16.14 -21.33 20.82
N THR B 128 -14.95 -21.90 20.60
CA THR B 128 -13.87 -21.89 21.60
C THR B 128 -13.39 -20.47 21.90
N GLY B 129 -13.66 -19.55 20.98
CA GLY B 129 -13.22 -18.16 21.12
C GLY B 129 -11.79 -17.94 20.72
N ALA B 130 -11.17 -18.97 20.13
CA ALA B 130 -9.83 -18.86 19.60
C ALA B 130 -9.87 -18.06 18.30
N ARG B 131 -8.76 -17.45 17.94
CA ARG B 131 -8.62 -16.85 16.63
C ARG B 131 -8.58 -17.95 15.58
N LEU B 132 -9.30 -17.72 14.49
CA LEU B 132 -9.32 -18.65 13.38
C LEU B 132 -8.57 -18.10 12.15
N ALA B 133 -7.41 -18.71 11.87
CA ALA B 133 -6.68 -18.45 10.63
C ALA B 133 -7.28 -19.30 9.51
N LEU B 134 -8.07 -18.66 8.65
CA LEU B 134 -8.93 -19.42 7.76
C LEU B 134 -8.39 -19.51 6.32
N ALA B 135 -8.08 -20.75 5.92
CA ALA B 135 -7.67 -21.04 4.55
C ALA B 135 -8.82 -21.74 3.83
N ASN B 136 -9.58 -22.56 4.57
CA ASN B 136 -10.72 -23.31 4.05
C ASN B 136 -11.74 -22.39 3.40
N LYS B 137 -11.93 -22.55 2.09
CA LYS B 137 -12.84 -21.70 1.30
C LYS B 137 -14.31 -21.97 1.58
N GLU B 138 -14.67 -23.23 1.77
CA GLU B 138 -16.06 -23.63 1.94
C GLU B 138 -16.70 -23.01 3.16
N SER B 139 -15.88 -22.73 4.18
CA SER B 139 -16.35 -22.06 5.40
C SER B 139 -17.11 -20.76 5.12
N LEU B 140 -16.59 -19.92 4.23
CA LEU B 140 -17.22 -18.66 3.92
C LEU B 140 -18.06 -18.71 2.65
N VAL B 141 -17.55 -19.37 1.61
CA VAL B 141 -18.28 -19.49 0.35
C VAL B 141 -19.59 -20.29 0.48
N ALA B 142 -19.57 -21.34 1.28
CA ALA B 142 -20.79 -22.13 1.50
C ALA B 142 -21.48 -21.79 2.82
N GLY B 143 -20.70 -21.76 3.90
CA GLY B 143 -21.22 -21.53 5.25
C GLY B 143 -21.67 -20.11 5.53
N GLY B 144 -21.16 -19.15 4.76
CA GLY B 144 -21.66 -17.78 4.75
C GLY B 144 -22.17 -17.19 6.05
N SER B 145 -23.49 -17.07 6.19
CA SER B 145 -24.09 -16.40 7.35
C SER B 145 -24.03 -17.22 8.62
N LEU B 146 -24.04 -18.55 8.47
CA LEU B 146 -23.80 -19.46 9.59
C LEU B 146 -22.46 -19.16 10.28
N VAL B 147 -21.42 -18.99 9.46
CA VAL B 147 -20.08 -18.69 9.95
C VAL B 147 -19.99 -17.25 10.43
N LEU B 148 -20.59 -16.32 9.69
CA LEU B 148 -20.52 -14.92 10.06
C LEU B 148 -21.21 -14.60 11.38
N ARG B 149 -22.39 -15.19 11.58
CA ARG B 149 -23.14 -14.99 12.81
C ARG B 149 -22.44 -15.62 14.01
N ALA B 150 -21.68 -16.67 13.77
CA ALA B 150 -20.94 -17.37 14.83
C ALA B 150 -19.63 -16.68 15.19
N ALA B 151 -19.10 -15.86 14.28
CA ALA B 151 -17.81 -15.19 14.49
C ALA B 151 -17.94 -13.80 15.14
N ARG B 152 -17.03 -13.52 16.05
CA ARG B 152 -16.93 -12.18 16.64
C ARG B 152 -16.00 -11.32 15.78
N PRO B 153 -16.11 -9.99 15.87
CA PRO B 153 -15.26 -9.11 15.07
C PRO B 153 -13.77 -9.40 15.24
N GLY B 154 -13.07 -9.59 14.12
CA GLY B 154 -11.62 -9.81 14.13
C GLY B 154 -11.17 -11.23 14.46
N GLN B 155 -12.13 -12.12 14.71
CA GLN B 155 -11.83 -13.47 15.13
C GLN B 155 -11.29 -14.29 13.96
N ILE B 156 -11.84 -14.02 12.78
CA ILE B 156 -11.40 -14.67 11.56
C ILE B 156 -10.35 -13.83 10.89
N VAL B 157 -9.19 -14.44 10.66
CA VAL B 157 -8.08 -13.84 9.94
C VAL B 157 -7.80 -14.68 8.68
N PRO B 158 -7.89 -14.08 7.48
CA PRO B 158 -7.69 -14.83 6.23
C PRO B 158 -6.24 -15.21 5.90
N VAL B 159 -6.08 -16.38 5.30
CA VAL B 159 -4.75 -16.92 4.93
C VAL B 159 -4.36 -16.65 3.46
N ASN B 160 -5.36 -16.53 2.59
CA ASN B 160 -5.15 -16.30 1.15
C ASN B 160 -4.38 -15.00 0.90
N SER B 161 -3.49 -15.01 -0.09
CA SER B 161 -2.63 -13.85 -0.33
C SER B 161 -3.38 -12.55 -0.68
N GLU B 162 -4.47 -12.68 -1.44
CA GLU B 162 -5.29 -11.53 -1.83
C GLU B 162 -5.98 -10.92 -0.63
N HIS B 163 -6.65 -11.76 0.15
CA HIS B 163 -7.40 -11.30 1.32
C HIS B 163 -6.47 -10.72 2.37
N SER B 164 -5.30 -11.34 2.50
CA SER B 164 -4.23 -10.89 3.36
C SER B 164 -3.70 -9.51 2.93
N ALA B 165 -3.59 -9.29 1.61
CA ALA B 165 -3.21 -8.00 1.06
C ALA B 165 -4.27 -6.95 1.43
N LEU B 166 -5.55 -7.28 1.23
CA LEU B 166 -6.65 -6.38 1.58
C LEU B 166 -6.66 -5.98 3.05
N ALA B 167 -6.43 -6.94 3.94
CA ALA B 167 -6.40 -6.68 5.40
C ALA B 167 -5.26 -5.75 5.83
N GLN B 168 -4.12 -5.86 5.13
CA GLN B 168 -2.97 -5.00 5.33
C GLN B 168 -3.22 -3.58 4.80
N CYS B 169 -3.84 -3.49 3.62
CA CYS B 169 -4.13 -2.21 2.97
C CYS B 169 -5.24 -1.41 3.68
N LEU B 170 -6.18 -2.13 4.28
CA LEU B 170 -7.26 -1.52 5.04
C LEU B 170 -6.76 -0.79 6.28
N ARG B 171 -5.49 -1.01 6.62
CA ARG B 171 -4.83 -0.26 7.68
C ARG B 171 -4.66 1.23 7.32
N GLY B 172 -4.69 1.52 6.03
CA GLY B 172 -4.49 2.86 5.50
C GLY B 172 -5.58 3.87 5.79
N GLY B 173 -6.68 3.43 6.41
CA GLY B 173 -7.78 4.32 6.78
C GLY B 173 -8.80 3.62 7.65
N THR B 174 -9.82 4.36 8.07
CA THR B 174 -10.94 3.80 8.83
C THR B 174 -11.84 2.99 7.88
N PRO B 175 -12.71 2.10 8.42
CA PRO B 175 -13.66 1.40 7.56
C PRO B 175 -14.52 2.35 6.73
N ASP B 176 -14.85 3.51 7.30
CA ASP B 176 -15.68 4.52 6.64
C ASP B 176 -14.99 5.20 5.46
N GLU B 177 -13.67 5.12 5.44
CA GLU B 177 -12.86 5.77 4.39
C GLU B 177 -12.65 4.91 3.14
N VAL B 178 -13.15 3.68 3.16
CA VAL B 178 -13.00 2.75 2.02
C VAL B 178 -13.97 3.08 0.89
N ALA B 179 -13.43 3.26 -0.31
CA ALA B 179 -14.24 3.38 -1.51
C ALA B 179 -14.32 2.04 -2.26
N LYS B 180 -13.17 1.45 -2.58
CA LYS B 180 -13.13 0.22 -3.36
C LYS B 180 -12.11 -0.76 -2.80
N LEU B 181 -12.42 -2.05 -2.90
CA LEU B 181 -11.39 -3.09 -2.79
C LEU B 181 -11.08 -3.60 -4.19
N VAL B 182 -9.80 -3.71 -4.52
CA VAL B 182 -9.41 -4.20 -5.83
C VAL B 182 -8.55 -5.44 -5.67
N LEU B 183 -9.13 -6.59 -6.02
CA LEU B 183 -8.38 -7.85 -6.08
C LEU B 183 -7.64 -7.95 -7.37
N THR B 184 -6.42 -8.45 -7.28
CA THR B 184 -5.62 -8.72 -8.45
C THR B 184 -5.82 -10.17 -8.85
N ALA B 185 -5.70 -10.43 -10.16
CA ALA B 185 -5.81 -11.78 -10.69
C ALA B 185 -4.72 -11.96 -11.73
N SER B 186 -4.03 -13.11 -11.69
CA SER B 186 -3.00 -13.40 -12.69
C SER B 186 -3.56 -13.39 -14.12
N GLY B 187 -4.86 -13.70 -14.25
CA GLY B 187 -5.53 -13.78 -15.53
C GLY B 187 -5.54 -15.20 -16.08
N GLY B 188 -4.63 -16.03 -15.57
CA GLY B 188 -4.55 -17.45 -15.95
C GLY B 188 -3.69 -17.70 -17.18
N PRO B 189 -3.62 -18.97 -17.62
CA PRO B 189 -2.93 -19.32 -18.87
C PRO B 189 -3.58 -18.76 -20.15
N PHE B 190 -4.87 -18.41 -20.08
CA PHE B 190 -5.63 -17.94 -21.24
C PHE B 190 -5.97 -16.45 -21.16
N ARG B 191 -5.16 -15.74 -20.40
CA ARG B 191 -5.20 -14.30 -20.35
C ARG B 191 -5.04 -13.78 -21.77
N GLY B 192 -5.98 -12.92 -22.18
CA GLY B 192 -5.96 -12.33 -23.52
C GLY B 192 -6.56 -13.17 -24.64
N TRP B 193 -6.92 -14.42 -24.34
CA TRP B 193 -7.53 -15.30 -25.33
C TRP B 193 -8.98 -14.85 -25.63
N SER B 194 -9.38 -15.03 -26.88
CA SER B 194 -10.76 -14.75 -27.30
C SER B 194 -11.68 -15.91 -26.90
N ALA B 195 -12.99 -15.70 -27.04
CA ALA B 195 -13.96 -16.78 -26.84
C ALA B 195 -13.71 -17.92 -27.84
N ALA B 196 -13.36 -17.56 -29.07
CA ALA B 196 -12.96 -18.53 -30.08
C ALA B 196 -11.74 -19.33 -29.64
N ASP B 197 -10.72 -18.64 -29.13
CA ASP B 197 -9.51 -19.29 -28.58
C ASP B 197 -9.85 -20.37 -27.53
N LEU B 198 -10.80 -20.05 -26.64
CA LEU B 198 -11.15 -20.91 -25.50
C LEU B 198 -11.86 -22.21 -25.88
N GLU B 199 -12.38 -22.27 -27.10
CA GLU B 199 -13.10 -23.46 -27.57
C GLU B 199 -12.18 -24.67 -27.69
N HIS B 200 -10.92 -24.43 -28.01
CA HIS B 200 -9.95 -25.52 -28.26
C HIS B 200 -9.11 -25.89 -27.04
N VAL B 201 -9.54 -25.43 -25.86
CA VAL B 201 -8.78 -25.64 -24.62
C VAL B 201 -8.87 -27.08 -24.11
N THR B 202 -7.70 -27.69 -23.92
CA THR B 202 -7.60 -29.03 -23.34
C THR B 202 -7.29 -28.96 -21.84
N PRO B 203 -7.62 -30.03 -21.08
CA PRO B 203 -7.25 -30.14 -19.67
C PRO B 203 -5.78 -29.81 -19.37
N GLU B 204 -4.86 -30.34 -20.17
CA GLU B 204 -3.43 -30.11 -19.95
C GLU B 204 -3.04 -28.65 -20.13
N GLN B 205 -3.62 -28.00 -21.16
CA GLN B 205 -3.44 -26.56 -21.39
C GLN B 205 -3.91 -25.76 -20.19
N ALA B 206 -5.02 -26.20 -19.59
CA ALA B 206 -5.57 -25.57 -18.38
C ALA B 206 -4.76 -25.92 -17.13
N GLY B 207 -3.47 -26.23 -17.32
CA GLY B 207 -2.52 -26.45 -16.24
C GLY B 207 -2.69 -27.73 -15.44
N ALA B 208 -3.58 -28.62 -15.89
CA ALA B 208 -3.79 -29.90 -15.20
C ALA B 208 -2.64 -30.88 -15.46
N HIS B 209 -1.79 -31.03 -14.44
CA HIS B 209 -0.72 -32.03 -14.41
C HIS B 209 -0.86 -32.83 -13.10
N PRO B 210 -0.34 -34.07 -13.07
CA PRO B 210 -0.29 -34.81 -11.80
C PRO B 210 0.75 -34.23 -10.84
N THR B 211 0.52 -32.99 -10.41
CA THR B 211 1.45 -32.31 -9.51
C THR B 211 1.29 -32.86 -8.09
N TRP B 212 2.41 -32.94 -7.37
CA TRP B 212 2.49 -33.65 -6.10
C TRP B 212 1.71 -33.03 -4.93
N SER B 213 1.36 -31.74 -5.03
CA SER B 213 0.63 -31.06 -3.97
C SER B 213 -0.51 -30.20 -4.50
N MET B 214 -0.31 -29.69 -5.73
CA MET B 214 -1.30 -28.90 -6.44
C MET B 214 -2.47 -29.80 -6.85
N GLY B 215 -3.63 -29.55 -6.23
CA GLY B 215 -4.87 -30.24 -6.59
C GLY B 215 -5.31 -29.82 -7.98
N PRO B 216 -5.90 -30.76 -8.76
CA PRO B 216 -6.30 -30.48 -10.15
C PRO B 216 -7.24 -29.26 -10.25
N MET B 217 -8.02 -29.03 -9.20
CA MET B 217 -9.07 -28.00 -9.19
C MET B 217 -8.56 -26.56 -9.14
N ASN B 218 -7.66 -26.27 -8.20
CA ASN B 218 -7.18 -24.90 -7.98
C ASN B 218 -6.47 -24.24 -9.17
N THR B 219 -5.73 -25.04 -9.94
CA THR B 219 -5.15 -24.58 -11.20
C THR B 219 -6.24 -24.22 -12.22
N LEU B 220 -7.23 -25.12 -12.35
CA LEU B 220 -8.35 -24.92 -13.26
C LEU B 220 -9.24 -23.74 -12.86
N ASN B 221 -9.51 -23.61 -11.55
CA ASN B 221 -10.31 -22.49 -11.04
C ASN B 221 -9.67 -21.13 -11.30
N SER B 222 -8.35 -21.14 -11.43
CA SER B 222 -7.58 -19.95 -11.77
C SER B 222 -7.65 -19.65 -13.27
N ALA B 223 -7.58 -20.71 -14.09
CA ALA B 223 -7.72 -20.61 -15.55
C ALA B 223 -9.11 -20.14 -15.96
N SER B 224 -10.13 -20.53 -15.20
CA SER B 224 -11.53 -20.20 -15.52
C SER B 224 -12.01 -18.87 -14.91
N LEU B 225 -11.23 -18.35 -13.95
CA LEU B 225 -11.54 -17.11 -13.19
C LEU B 225 -12.58 -17.34 -12.11
N VAL B 226 -12.83 -18.60 -11.80
CA VAL B 226 -13.77 -18.98 -10.75
C VAL B 226 -13.11 -18.77 -9.38
N ASN B 227 -11.80 -19.04 -9.29
CA ASN B 227 -11.06 -18.78 -8.06
C ASN B 227 -11.24 -17.34 -7.63
N LYS B 228 -11.19 -16.43 -8.59
CA LYS B 228 -11.37 -15.00 -8.34
C LYS B 228 -12.80 -14.67 -7.95
N GLY B 229 -13.76 -15.27 -8.66
CA GLY B 229 -15.15 -15.22 -8.24
C GLY B 229 -15.31 -15.64 -6.79
N LEU B 230 -14.74 -16.78 -6.43
CA LEU B 230 -14.82 -17.29 -5.04
C LEU B 230 -14.17 -16.35 -4.04
N GLN B 231 -13.04 -15.75 -4.44
CA GLN B 231 -12.32 -14.78 -3.61
C GLN B 231 -13.08 -13.48 -3.45
N VAL B 232 -13.82 -13.09 -4.49
CA VAL B 232 -14.68 -11.91 -4.42
C VAL B 232 -15.78 -12.13 -3.39
N ILE B 233 -16.41 -13.31 -3.42
CA ILE B 233 -17.42 -13.69 -2.44
C ILE B 233 -16.89 -13.62 -1.00
N GLU B 234 -15.72 -14.19 -0.78
CA GLU B 234 -15.06 -14.18 0.54
C GLU B 234 -14.64 -12.79 1.00
N THR B 235 -14.15 -11.98 0.07
CA THR B 235 -13.86 -10.57 0.34
C THR B 235 -15.09 -9.86 0.90
N HIS B 236 -16.25 -10.08 0.28
CA HIS B 236 -17.48 -9.47 0.77
C HIS B 236 -17.78 -9.85 2.23
N LEU B 237 -17.62 -11.14 2.54
CA LEU B 237 -17.95 -11.67 3.87
C LEU B 237 -16.91 -11.35 4.93
N LEU B 238 -15.64 -11.39 4.54
CA LEU B 238 -14.54 -11.03 5.47
C LEU B 238 -14.53 -9.53 5.81
N PHE B 239 -14.80 -8.68 4.82
CA PHE B 239 -14.60 -7.24 4.98
C PHE B 239 -15.86 -6.35 4.99
N GLY B 240 -17.00 -6.92 4.61
CA GLY B 240 -18.27 -6.18 4.64
C GLY B 240 -18.34 -5.03 3.65
N ILE B 241 -17.84 -5.26 2.43
CA ILE B 241 -17.86 -4.26 1.37
C ILE B 241 -18.86 -4.74 0.33
N PRO B 242 -19.69 -3.83 -0.21
CA PRO B 242 -20.64 -4.24 -1.25
C PRO B 242 -19.95 -4.80 -2.48
N TYR B 243 -20.63 -5.74 -3.15
CA TYR B 243 -20.11 -6.38 -4.35
C TYR B 243 -19.81 -5.40 -5.47
N ASP B 244 -20.61 -4.33 -5.55
CA ASP B 244 -20.41 -3.32 -6.56
C ASP B 244 -19.20 -2.41 -6.28
N ARG B 245 -18.61 -2.56 -5.08
CA ARG B 245 -17.38 -1.86 -4.70
C ARG B 245 -16.17 -2.79 -4.57
N ILE B 246 -16.33 -4.06 -4.99
CA ILE B 246 -15.21 -5.03 -5.07
C ILE B 246 -14.86 -5.27 -6.55
N ASP B 247 -13.65 -4.87 -6.93
CA ASP B 247 -13.22 -4.95 -8.32
C ASP B 247 -12.13 -5.99 -8.50
N VAL B 248 -11.93 -6.38 -9.75
CA VAL B 248 -10.88 -7.28 -10.15
C VAL B 248 -10.08 -6.66 -11.28
N VAL B 249 -8.77 -6.59 -11.10
CA VAL B 249 -7.86 -6.18 -12.14
C VAL B 249 -6.93 -7.35 -12.47
N VAL B 250 -6.62 -7.53 -13.76
CA VAL B 250 -5.63 -8.52 -14.13
C VAL B 250 -4.22 -7.94 -13.95
N HIS B 251 -3.34 -8.75 -13.34
CA HIS B 251 -1.98 -8.35 -13.00
C HIS B 251 -1.06 -9.58 -13.16
N PRO B 252 -0.43 -9.73 -14.34
CA PRO B 252 0.25 -10.99 -14.70
C PRO B 252 1.45 -11.36 -13.83
N GLN B 253 2.05 -10.38 -13.16
CA GLN B 253 3.26 -10.62 -12.35
C GLN B 253 2.98 -11.18 -10.95
N SER B 254 1.81 -10.88 -10.39
CA SER B 254 1.41 -11.36 -9.06
C SER B 254 2.35 -10.85 -7.96
N ILE B 255 2.80 -9.62 -8.13
CA ILE B 255 3.63 -8.97 -7.13
C ILE B 255 2.73 -8.14 -6.22
N ILE B 256 1.83 -7.36 -6.80
CA ILE B 256 0.77 -6.71 -6.04
C ILE B 256 -0.36 -7.70 -5.81
N HIS B 257 -0.66 -8.00 -4.55
CA HIS B 257 -1.58 -9.08 -4.20
C HIS B 257 -3.01 -8.62 -4.00
N SER B 258 -3.19 -7.31 -3.91
CA SER B 258 -4.49 -6.64 -3.91
C SER B 258 -4.28 -5.23 -3.38
N MET B 259 -5.31 -4.41 -3.52
CA MET B 259 -5.22 -2.99 -3.21
C MET B 259 -6.52 -2.49 -2.62
N VAL B 260 -6.43 -1.35 -1.94
CA VAL B 260 -7.61 -0.62 -1.44
C VAL B 260 -7.58 0.83 -1.91
N THR B 261 -8.68 1.26 -2.55
CA THR B 261 -8.88 2.67 -2.89
C THR B 261 -9.76 3.34 -1.84
N PHE B 262 -9.27 4.46 -1.32
CA PHE B 262 -9.98 5.21 -0.27
C PHE B 262 -10.73 6.38 -0.89
N ILE B 263 -11.61 6.99 -0.10
CA ILE B 263 -12.54 8.05 -0.57
C ILE B 263 -11.91 9.34 -1.15
N ASP B 264 -10.65 9.59 -0.80
CA ASP B 264 -9.92 10.79 -1.22
C ASP B 264 -9.22 10.59 -2.56
N GLY B 265 -9.19 9.33 -3.02
CA GLY B 265 -8.56 8.97 -4.28
C GLY B 265 -7.20 8.31 -4.17
N SER B 266 -6.73 8.10 -2.93
CA SER B 266 -5.49 7.36 -2.67
C SER B 266 -5.69 5.83 -2.64
N THR B 267 -4.82 5.10 -3.33
CA THR B 267 -4.85 3.64 -3.31
C THR B 267 -3.62 3.13 -2.57
N ILE B 268 -3.86 2.18 -1.67
CA ILE B 268 -2.81 1.49 -0.93
C ILE B 268 -2.77 0.05 -1.46
N ALA B 269 -1.57 -0.39 -1.82
CA ALA B 269 -1.36 -1.70 -2.42
C ALA B 269 -0.35 -2.49 -1.58
N GLN B 270 -0.49 -3.81 -1.59
CA GLN B 270 0.47 -4.67 -0.90
C GLN B 270 1.25 -5.40 -1.97
N ALA B 271 2.58 -5.44 -1.83
CA ALA B 271 3.46 -6.03 -2.83
C ALA B 271 4.52 -6.96 -2.23
N SER B 272 4.71 -8.13 -2.87
CA SER B 272 5.81 -9.05 -2.50
C SER B 272 6.03 -10.15 -3.56
N PRO B 273 7.27 -10.66 -3.67
CA PRO B 273 7.43 -11.82 -4.54
C PRO B 273 6.55 -12.95 -4.00
N PRO B 274 5.81 -13.64 -4.88
CA PRO B 274 4.95 -14.76 -4.49
C PRO B 274 5.64 -15.69 -3.50
N ASP B 275 4.95 -15.98 -2.40
CA ASP B 275 5.47 -16.82 -1.31
C ASP B 275 4.37 -16.86 -0.26
N MET B 276 3.71 -18.01 -0.13
N MET B 276 3.73 -18.02 -0.13
CA MET B 276 2.56 -18.14 0.77
CA MET B 276 2.57 -18.21 0.75
C MET B 276 2.93 -18.05 2.25
C MET B 276 2.92 -18.08 2.23
N LYS B 277 4.19 -18.25 2.56
CA LYS B 277 4.67 -18.12 3.94
C LYS B 277 4.50 -16.71 4.53
N LEU B 278 4.49 -15.69 3.67
CA LEU B 278 4.18 -14.32 4.10
C LEU B 278 2.76 -14.19 4.64
N PRO B 279 1.72 -14.43 3.81
CA PRO B 279 0.36 -14.36 4.36
C PRO B 279 0.01 -15.41 5.44
N ILE B 280 0.58 -16.60 5.34
CA ILE B 280 0.48 -17.62 6.42
C ILE B 280 1.07 -17.11 7.74
N SER B 281 2.27 -16.52 7.71
CA SER B 281 2.91 -16.04 8.94
C SER B 281 2.10 -14.95 9.63
N LEU B 282 1.59 -14.00 8.84
CA LEU B 282 0.82 -12.87 9.34
C LEU B 282 -0.51 -13.35 9.88
N ALA B 283 -1.16 -14.27 9.16
CA ALA B 283 -2.40 -14.88 9.65
C ALA B 283 -2.22 -15.51 11.03
N LEU B 284 -1.09 -16.21 11.21
CA LEU B 284 -0.77 -16.89 12.47
C LEU B 284 -0.47 -15.90 13.59
N GLY B 285 0.33 -14.88 13.28
CA GLY B 285 0.76 -13.89 14.27
C GLY B 285 -0.10 -12.65 14.43
N TRP B 286 -1.11 -12.50 13.57
CA TRP B 286 -1.96 -11.31 13.50
C TRP B 286 -2.29 -10.73 14.88
N PRO B 287 -2.16 -9.38 15.03
CA PRO B 287 -1.81 -8.41 13.99
C PRO B 287 -0.31 -8.21 13.83
N ARG B 288 0.47 -9.04 14.51
CA ARG B 288 1.91 -8.89 14.59
C ARG B 288 2.64 -9.63 13.47
N ARG B 289 3.45 -8.89 12.73
CA ARG B 289 4.22 -9.44 11.62
C ARG B 289 5.35 -10.34 12.14
N VAL B 290 5.75 -11.30 11.30
CA VAL B 290 6.80 -12.26 11.66
C VAL B 290 8.10 -11.99 10.90
N SER B 291 9.11 -11.52 11.61
CA SER B 291 10.41 -11.20 11.03
C SER B 291 11.04 -12.31 10.18
N GLY B 292 11.32 -12.01 8.92
CA GLY B 292 12.01 -12.92 8.01
C GLY B 292 11.15 -13.99 7.34
N ALA B 293 9.84 -13.78 7.35
CA ALA B 293 8.89 -14.76 6.82
C ALA B 293 9.13 -15.05 5.35
N ALA B 294 9.38 -13.99 4.58
CA ALA B 294 9.53 -14.09 3.13
C ALA B 294 10.50 -13.01 2.65
N ALA B 295 10.96 -13.17 1.42
CA ALA B 295 11.83 -12.17 0.78
C ALA B 295 11.02 -10.95 0.34
N ALA B 296 11.59 -9.77 0.56
CA ALA B 296 11.00 -8.51 0.14
C ALA B 296 11.22 -8.29 -1.36
N CYS B 297 10.38 -7.44 -1.95
CA CYS B 297 10.65 -6.94 -3.29
C CYS B 297 12.03 -6.31 -3.33
N ASP B 298 12.74 -6.60 -4.42
CA ASP B 298 14.08 -6.09 -4.63
C ASP B 298 14.05 -5.09 -5.77
N PHE B 299 14.45 -3.86 -5.48
CA PHE B 299 14.39 -2.80 -6.48
C PHE B 299 15.76 -2.49 -7.09
N HIS B 300 16.74 -3.38 -6.83
CA HIS B 300 18.08 -3.25 -7.37
C HIS B 300 18.11 -3.63 -8.84
N THR B 301 17.11 -4.40 -9.28
CA THR B 301 16.99 -4.80 -10.68
C THR B 301 15.63 -4.42 -11.26
N ALA B 302 15.63 -4.00 -12.53
CA ALA B 302 14.45 -3.43 -13.19
C ALA B 302 13.31 -4.42 -13.36
N SER B 303 12.08 -3.92 -13.21
CA SER B 303 10.88 -4.70 -13.41
C SER B 303 9.72 -3.77 -13.67
N SER B 304 8.60 -4.35 -14.12
CA SER B 304 7.36 -3.59 -14.30
C SER B 304 6.14 -4.37 -13.82
N TRP B 305 5.24 -3.65 -13.16
CA TRP B 305 4.00 -4.21 -12.68
C TRP B 305 2.91 -3.77 -13.64
N GLU B 306 2.31 -4.72 -14.35
CA GLU B 306 1.33 -4.42 -15.38
C GLU B 306 -0.10 -4.68 -14.92
N PHE B 307 -1.01 -3.81 -15.32
CA PHE B 307 -2.43 -3.97 -15.05
C PHE B 307 -3.20 -3.87 -16.35
N GLU B 308 -4.18 -4.75 -16.52
CA GLU B 308 -5.12 -4.70 -17.64
C GLU B 308 -6.49 -5.14 -17.14
N PRO B 309 -7.57 -4.57 -17.69
CA PRO B 309 -8.89 -5.00 -17.24
C PRO B 309 -9.19 -6.45 -17.61
N LEU B 310 -10.10 -7.08 -16.88
CA LEU B 310 -10.54 -8.43 -17.22
C LEU B 310 -11.62 -8.32 -18.28
N ASP B 311 -11.51 -9.14 -19.32
CA ASP B 311 -12.55 -9.21 -20.34
C ASP B 311 -13.75 -10.01 -19.81
N THR B 312 -14.76 -9.30 -19.30
CA THR B 312 -15.88 -9.93 -18.62
C THR B 312 -16.87 -10.63 -19.56
N ASP B 313 -16.65 -10.52 -20.87
CA ASP B 313 -17.50 -11.18 -21.86
C ASP B 313 -16.92 -12.55 -22.17
N VAL B 314 -15.60 -12.66 -22.13
CA VAL B 314 -14.93 -13.92 -22.33
C VAL B 314 -14.81 -14.66 -20.99
N PHE B 315 -14.68 -13.89 -19.90
CA PHE B 315 -14.50 -14.45 -18.56
C PHE B 315 -15.53 -13.92 -17.56
N PRO B 316 -16.79 -14.40 -17.64
CA PRO B 316 -17.89 -13.87 -16.82
C PRO B 316 -18.01 -14.44 -15.40
N ALA B 317 -17.12 -15.35 -15.03
CA ALA B 317 -17.14 -16.03 -13.73
C ALA B 317 -17.20 -15.11 -12.50
N VAL B 318 -16.55 -13.95 -12.55
CA VAL B 318 -16.55 -13.01 -11.40
C VAL B 318 -17.89 -12.25 -11.28
N GLU B 319 -18.48 -11.86 -12.40
CA GLU B 319 -19.78 -11.21 -12.35
C GLU B 319 -20.89 -12.19 -11.89
N LEU B 320 -20.73 -13.47 -12.23
CA LEU B 320 -21.62 -14.53 -11.73
C LEU B 320 -21.51 -14.73 -10.22
N ALA B 321 -20.28 -14.71 -9.71
CA ALA B 321 -20.02 -14.72 -8.27
C ALA B 321 -20.71 -13.57 -7.55
N ARG B 322 -20.60 -12.36 -8.10
CA ARG B 322 -21.31 -11.21 -7.55
C ARG B 322 -22.84 -11.36 -7.61
N GLN B 323 -23.35 -11.88 -8.73
CA GLN B 323 -24.77 -12.23 -8.83
C GLN B 323 -25.20 -13.18 -7.70
N ALA B 324 -24.45 -14.26 -7.50
CA ALA B 324 -24.73 -15.24 -6.44
C ALA B 324 -24.65 -14.62 -5.04
N GLY B 325 -23.59 -13.86 -4.80
CA GLY B 325 -23.37 -13.22 -3.51
C GLY B 325 -24.41 -12.19 -3.15
N VAL B 326 -24.87 -11.42 -4.14
CA VAL B 326 -25.96 -10.44 -3.95
C VAL B 326 -27.29 -11.16 -3.69
N ALA B 327 -27.59 -12.18 -4.50
CA ALA B 327 -28.72 -13.06 -4.26
C ALA B 327 -28.70 -13.61 -2.82
N GLY B 328 -27.52 -14.03 -2.37
CA GLY B 328 -27.28 -14.35 -0.96
C GLY B 328 -27.80 -15.71 -0.49
N GLY B 329 -27.79 -15.90 0.83
CA GLY B 329 -28.29 -17.14 1.45
C GLY B 329 -27.38 -18.32 1.17
N CYS B 330 -27.85 -19.24 0.34
CA CYS B 330 -27.10 -20.44 -0.05
C CYS B 330 -26.69 -20.40 -1.53
N MET B 331 -26.89 -19.26 -2.18
CA MET B 331 -26.58 -19.11 -3.62
C MET B 331 -25.09 -19.21 -3.93
N THR B 332 -24.24 -18.75 -3.01
CA THR B 332 -22.79 -18.90 -3.19
C THR B 332 -22.35 -20.36 -2.99
N ALA B 333 -22.99 -21.07 -2.07
CA ALA B 333 -22.86 -22.55 -2.00
C ALA B 333 -23.20 -23.23 -3.33
N VAL B 334 -24.31 -22.80 -3.95
CA VAL B 334 -24.73 -23.27 -5.29
C VAL B 334 -23.68 -22.96 -6.36
N TYR B 335 -23.21 -21.73 -6.39
CA TYR B 335 -22.15 -21.28 -7.29
C TYR B 335 -20.95 -22.22 -7.26
N ASN B 336 -20.47 -22.50 -6.06
CA ASN B 336 -19.24 -23.28 -5.88
C ASN B 336 -19.39 -24.78 -6.17
N ALA B 337 -20.50 -25.37 -5.74
CA ALA B 337 -20.83 -26.77 -6.03
C ALA B 337 -21.07 -26.99 -7.53
N ALA B 338 -21.75 -26.04 -8.16
CA ALA B 338 -21.98 -26.09 -9.61
C ALA B 338 -20.65 -26.06 -10.38
N ASN B 339 -19.70 -25.28 -9.87
CA ASN B 339 -18.33 -25.25 -10.40
C ASN B 339 -17.58 -26.57 -10.19
N GLU B 340 -17.61 -27.09 -8.96
CA GLU B 340 -16.98 -28.37 -8.62
C GLU B 340 -17.35 -29.45 -9.62
N GLU B 341 -18.64 -29.53 -9.94
CA GLU B 341 -19.15 -30.52 -10.88
C GLU B 341 -18.75 -30.24 -12.33
N ALA B 342 -18.95 -29.00 -12.76
CA ALA B 342 -18.62 -28.62 -14.13
C ALA B 342 -17.12 -28.75 -14.38
N ALA B 343 -16.31 -28.27 -13.44
CA ALA B 343 -14.84 -28.31 -13.59
C ALA B 343 -14.29 -29.73 -13.67
N ALA B 344 -14.89 -30.63 -12.90
CA ALA B 344 -14.57 -32.06 -12.93
C ALA B 344 -14.91 -32.71 -14.28
N ALA B 345 -16.04 -32.29 -14.86
CA ALA B 345 -16.51 -32.81 -16.14
C ALA B 345 -15.60 -32.39 -17.29
N PHE B 346 -15.12 -31.14 -17.26
CA PHE B 346 -14.14 -30.68 -18.24
C PHE B 346 -12.83 -31.49 -18.16
N LEU B 347 -12.36 -31.77 -16.95
CA LEU B 347 -11.14 -32.57 -16.74
C LEU B 347 -11.31 -34.01 -17.20
N ALA B 348 -12.55 -34.48 -17.14
CA ALA B 348 -12.91 -35.83 -17.59
C ALA B 348 -13.36 -35.84 -19.06
N GLY B 349 -13.07 -34.74 -19.76
CA GLY B 349 -13.34 -34.62 -21.19
C GLY B 349 -14.79 -34.74 -21.63
N ARG B 350 -15.71 -34.50 -20.69
CA ARG B 350 -17.14 -34.60 -21.00
C ARG B 350 -17.73 -33.28 -21.47
N ILE B 351 -17.03 -32.18 -21.21
CA ILE B 351 -17.43 -30.85 -21.69
C ILE B 351 -16.23 -30.03 -22.16
N GLY B 352 -16.49 -28.98 -22.92
CA GLY B 352 -15.44 -28.04 -23.33
C GLY B 352 -15.21 -26.98 -22.26
N PHE B 353 -14.01 -26.40 -22.25
CA PHE B 353 -13.63 -25.38 -21.27
C PHE B 353 -14.68 -24.27 -21.03
N PRO B 354 -15.21 -23.63 -22.10
CA PRO B 354 -16.17 -22.53 -21.85
C PRO B 354 -17.46 -22.98 -21.16
N ALA B 355 -17.74 -24.28 -21.23
CA ALA B 355 -18.98 -24.81 -20.69
C ALA B 355 -18.99 -24.86 -19.16
N ILE B 356 -17.82 -24.78 -18.54
CA ILE B 356 -17.70 -24.74 -17.08
C ILE B 356 -18.52 -23.58 -16.52
N VAL B 357 -18.16 -22.35 -16.89
CA VAL B 357 -18.84 -21.16 -16.40
C VAL B 357 -20.26 -21.06 -16.99
N GLY B 358 -20.41 -21.46 -18.25
CA GLY B 358 -21.73 -21.59 -18.88
C GLY B 358 -22.69 -22.40 -18.04
N ILE B 359 -22.23 -23.58 -17.58
CA ILE B 359 -23.02 -24.47 -16.71
C ILE B 359 -23.29 -23.87 -15.34
N ILE B 360 -22.38 -23.06 -14.83
CA ILE B 360 -22.59 -22.37 -13.53
C ILE B 360 -23.75 -21.39 -13.64
N ALA B 361 -23.79 -20.65 -14.75
CA ALA B 361 -24.83 -19.67 -15.01
C ALA B 361 -26.19 -20.35 -15.00
N ASP B 362 -26.31 -21.46 -15.75
CA ASP B 362 -27.58 -22.18 -15.89
C ASP B 362 -28.10 -22.73 -14.57
N VAL B 363 -27.21 -23.33 -13.78
CA VAL B 363 -27.60 -23.85 -12.46
C VAL B 363 -28.06 -22.70 -11.56
N LEU B 364 -27.29 -21.62 -11.55
CA LEU B 364 -27.60 -20.42 -10.74
C LEU B 364 -28.93 -19.77 -11.09
N HIS B 365 -29.21 -19.71 -12.40
CA HIS B 365 -30.47 -19.13 -12.92
C HIS B 365 -31.68 -19.90 -12.42
N ALA B 366 -31.53 -21.22 -12.30
CA ALA B 366 -32.60 -22.11 -11.85
C ALA B 366 -32.66 -22.29 -10.32
N ALA B 367 -31.82 -21.55 -9.60
CA ALA B 367 -31.54 -21.86 -8.18
C ALA B 367 -32.17 -20.96 -7.13
N ASP B 368 -33.02 -20.02 -7.55
CA ASP B 368 -33.55 -18.96 -6.65
C ASP B 368 -34.16 -19.44 -5.31
N GLN B 369 -34.58 -20.70 -5.24
CA GLN B 369 -35.11 -21.28 -4.00
C GLN B 369 -34.07 -21.29 -2.87
N TRP B 370 -32.79 -21.28 -3.23
CA TRP B 370 -31.70 -21.32 -2.26
C TRP B 370 -31.22 -19.96 -1.79
N ALA B 371 -31.96 -18.90 -2.14
CA ALA B 371 -31.66 -17.55 -1.66
C ALA B 371 -32.04 -17.34 -0.20
N VAL B 372 -32.66 -18.34 0.42
CA VAL B 372 -32.95 -18.33 1.86
C VAL B 372 -31.67 -18.49 2.68
N GLU B 373 -31.63 -17.84 3.84
CA GLU B 373 -30.52 -17.98 4.79
C GLU B 373 -30.51 -19.36 5.44
N PRO B 374 -29.33 -20.02 5.48
CA PRO B 374 -29.26 -21.35 6.09
C PRO B 374 -29.36 -21.26 7.62
N ALA B 375 -30.02 -22.25 8.22
CA ALA B 375 -30.19 -22.29 9.66
C ALA B 375 -29.19 -23.25 10.28
N THR B 376 -28.82 -24.27 9.50
CA THR B 376 -27.91 -25.33 9.95
C THR B 376 -26.93 -25.70 8.85
N VAL B 377 -25.90 -26.46 9.21
CA VAL B 377 -24.96 -27.05 8.26
C VAL B 377 -25.69 -27.89 7.20
N ASP B 378 -26.78 -28.53 7.61
CA ASP B 378 -27.58 -29.37 6.71
C ASP B 378 -28.24 -28.60 5.57
N ASP B 379 -28.73 -27.39 5.87
CA ASP B 379 -29.29 -26.49 4.84
C ASP B 379 -28.26 -26.21 3.73
N VAL B 380 -27.03 -25.91 4.14
CA VAL B 380 -25.91 -25.72 3.21
C VAL B 380 -25.64 -26.99 2.38
N LEU B 381 -25.65 -28.15 3.04
CA LEU B 381 -25.44 -29.43 2.37
C LEU B 381 -26.53 -29.77 1.35
N ASP B 382 -27.77 -29.40 1.68
CA ASP B 382 -28.92 -29.61 0.79
C ASP B 382 -28.79 -28.76 -0.51
N ALA B 383 -28.47 -27.49 -0.35
CA ALA B 383 -28.18 -26.58 -1.47
C ALA B 383 -27.10 -27.14 -2.41
N GLN B 384 -26.00 -27.59 -1.81
CA GLN B 384 -24.87 -28.16 -2.55
C GLN B 384 -25.26 -29.42 -3.32
N ARG B 385 -25.95 -30.33 -2.64
CA ARG B 385 -26.51 -31.55 -3.25
C ARG B 385 -27.31 -31.24 -4.52
N TRP B 386 -28.19 -30.25 -4.41
CA TRP B 386 -29.06 -29.79 -5.49
C TRP B 386 -28.22 -29.25 -6.67
N ALA B 387 -27.28 -28.37 -6.36
CA ALA B 387 -26.40 -27.75 -7.35
C ALA B 387 -25.59 -28.76 -8.16
N ARG B 388 -25.05 -29.77 -7.47
CA ARG B 388 -24.27 -30.85 -8.12
C ARG B 388 -25.10 -31.69 -9.10
N GLU B 389 -26.32 -32.04 -8.67
CA GLU B 389 -27.24 -32.84 -9.47
C GLU B 389 -27.66 -32.06 -10.72
N ARG B 390 -28.07 -30.81 -10.50
CA ARG B 390 -28.48 -29.89 -11.58
C ARG B 390 -27.35 -29.68 -12.59
N ALA B 391 -26.11 -29.57 -12.10
CA ALA B 391 -24.93 -29.46 -12.97
C ALA B 391 -24.64 -30.75 -13.75
N GLN B 392 -24.80 -31.90 -13.10
CA GLN B 392 -24.63 -33.20 -13.75
C GLN B 392 -25.58 -33.36 -14.92
N ARG B 393 -26.82 -32.89 -14.75
CA ARG B 393 -27.82 -32.86 -15.82
C ARG B 393 -27.32 -32.11 -17.06
N ALA B 394 -26.81 -30.90 -16.84
CA ALA B 394 -26.30 -30.04 -17.91
C ALA B 394 -25.14 -30.68 -18.66
N VAL B 395 -24.25 -31.35 -17.93
CA VAL B 395 -23.08 -32.02 -18.49
C VAL B 395 -23.48 -33.13 -19.46
N SER B 396 -24.38 -34.00 -19.01
CA SER B 396 -24.75 -35.22 -19.73
C SER B 396 -25.71 -34.94 -20.88
N GLY B 397 -26.41 -33.82 -20.81
CA GLY B 397 -27.46 -33.46 -21.76
C GLY B 397 -28.78 -33.99 -21.27
N MET B 398 -29.16 -33.60 -20.06
CA MET B 398 -30.39 -34.06 -19.41
C MET B 398 -31.07 -32.95 -18.61
PA NDP C . 5.95 28.42 -6.11
O1A NDP C . 7.28 28.88 -6.61
O2A NDP C . 4.98 28.19 -7.22
O5B NDP C . 5.38 29.51 -5.07
C5B NDP C . 6.10 29.88 -3.91
C4B NDP C . 5.31 30.88 -3.07
O4B NDP C . 6.18 31.55 -2.17
C3B NDP C . 4.62 31.95 -3.91
O3B NDP C . 3.28 32.12 -3.52
C2B NDP C . 5.41 33.21 -3.62
O2B NDP C . 4.67 34.41 -3.71
C1B NDP C . 5.95 32.94 -2.23
N9A NDP C . 7.16 33.76 -2.00
C8A NDP C . 8.22 33.94 -2.86
N7A NDP C . 9.11 34.79 -2.27
C5A NDP C . 8.62 35.14 -1.05
C6A NDP C . 9.11 35.97 -0.06
N6A NDP C . 9.97 36.93 -0.40
N1A NDP C . 8.37 36.13 1.10
C2A NDP C . 7.14 35.50 1.26
N3A NDP C . 6.66 34.69 0.26
C4A NDP C . 7.39 34.51 -0.88
O3 NDP C . 6.13 27.06 -5.25
PN NDP C . 5.88 25.69 -4.83
O1N NDP C . 5.96 24.26 -5.27
O2N NDP C . 4.42 26.03 -4.22
O5D NDP C . 7.07 25.97 -3.77
C5D NDP C . 6.70 25.73 -2.41
C4D NDP C . 7.54 24.62 -1.78
O4D NDP C . 6.93 23.35 -2.10
C3D NDP C . 9.04 24.54 -2.25
O3D NDP C . 9.95 24.67 -1.15
C2D NDP C . 9.18 23.16 -2.95
O2D NDP C . 10.41 22.54 -2.62
C1D NDP C . 8.00 22.39 -2.38
N1N NDP C . 7.57 21.35 -3.32
C2N NDP C . 6.51 21.61 -4.18
C3N NDP C . 6.18 20.70 -5.14
C7N NDP C . 5.09 20.88 -6.06
O7N NDP C . 4.42 19.92 -6.40
N7N NDP C . 4.79 22.12 -6.52
C4N NDP C . 7.02 19.46 -5.28
C5N NDP C . 7.91 19.18 -4.12
C6N NDP C . 8.16 20.12 -3.22
P2B NDP C . 4.85 35.40 -4.96
O1X NDP C . 5.22 34.59 -6.18
O2X NDP C . 3.54 36.10 -5.22
O3X NDP C . 5.93 36.42 -4.68
S SO4 D . 11.16 13.93 -8.63
O1 SO4 D . 12.09 14.56 -7.69
O2 SO4 D . 10.50 12.79 -7.99
O3 SO4 D . 11.88 13.54 -9.83
O4 SO4 D . 10.11 14.89 -8.95
S SO4 E . -1.59 8.01 11.94
O1 SO4 E . -1.84 6.99 12.96
O2 SO4 E . -2.86 8.59 11.51
O3 SO4 E . -0.90 7.41 10.79
O4 SO4 E . -0.76 9.06 12.53
S SO4 F . -5.31 -16.43 -9.47
O1 SO4 F . -6.49 -17.09 -8.92
O2 SO4 F . -5.27 -15.01 -9.13
O3 SO4 F . -5.31 -16.55 -10.92
O4 SO4 F . -4.10 -17.06 -8.95
#